data_6WFM
#
_entry.id   6WFM
#
_cell.length_a   84.740
_cell.length_b   136.950
_cell.length_c   155.920
_cell.angle_alpha   90.000
_cell.angle_beta   90.000
_cell.angle_gamma   90.000
#
_symmetry.space_group_name_H-M   'C 2 2 21'
#
loop_
_entity.id
_entity.type
_entity.pdbx_description
1 polymer 'UDP-N-acetylglucosamine 1-carboxyvinyltransferase'
2 water water
#
_entity_poly.entity_id   1
_entity_poly.type   'polypeptide(L)'
_entity_poly.pdbx_seq_one_letter_code
;MAHHHHHHMAKIVVTGGAALHGEVSISGAKNAVLPILCATLLADEPVEITNVPHLHDVVTTVKLLGELGAKVTIDQGTLS
RGSAIVVDPRPVNQHVAPYELVKTMRASILVLGPLLARFGAAEVSLPGGCAIGSRPVDQHIKGLQALGAEIVVENGFIKA
SAKRLKGGHFTFDMVSVTGTENVLMGAVLAEGTTVLDNCAMEPEVTDLAHCLIALGAKIEGLGTARLVIEGVERLSGGRH
EVLPDRIETGTFLVAAAMTGGKVTVNRARPNTMDAVLSKLVEAGAKIETTDDSITLDMQGRRPKAVNLTTAPYPAFPTDM
QAQFMALNCVADGVGVINETIFENRFMHVNELLRLGADIQVEGHTAIVRGSEHLSGAPVMATDLRASASLILAGLMASGD
TTIDRIYHLDRGYENIEEKLSSLGATIRRVP
;
_entity_poly.pdbx_strand_id   A,B
#
# COMPACT_ATOMS: atom_id res chain seq x y z
N HIS A 8 1.44 -0.95 -13.93
CA HIS A 8 0.81 -1.55 -15.10
C HIS A 8 -0.66 -1.88 -14.86
N MET A 9 -1.50 -1.59 -15.86
CA MET A 9 -2.95 -1.58 -15.69
C MET A 9 -3.58 -2.11 -16.98
N ALA A 10 -4.19 -3.29 -16.90
CA ALA A 10 -5.01 -3.75 -18.02
C ALA A 10 -6.47 -3.35 -17.80
N LYS A 11 -7.23 -3.35 -18.89
CA LYS A 11 -8.64 -2.96 -18.86
C LYS A 11 -9.53 -4.18 -19.01
N ILE A 12 -10.60 -4.15 -18.22
CA ILE A 12 -11.68 -5.13 -18.23
CA ILE A 12 -11.68 -5.13 -18.21
C ILE A 12 -12.94 -4.36 -18.55
N VAL A 13 -13.67 -4.77 -19.58
CA VAL A 13 -14.87 -4.04 -20.00
C VAL A 13 -16.09 -4.93 -19.82
N VAL A 14 -17.04 -4.49 -19.01
CA VAL A 14 -18.25 -5.23 -18.69
C VAL A 14 -19.44 -4.54 -19.34
N THR A 15 -20.26 -5.30 -20.06
CA THR A 15 -21.55 -4.78 -20.50
C THR A 15 -22.64 -5.30 -19.56
N GLY A 16 -23.37 -4.38 -18.94
CA GLY A 16 -24.31 -4.75 -17.88
C GLY A 16 -25.70 -5.16 -18.39
N GLY A 17 -26.42 -5.88 -17.52
CA GLY A 17 -27.83 -6.15 -17.77
C GLY A 17 -28.29 -7.59 -17.68
N ALA A 18 -27.46 -8.52 -18.11
CA ALA A 18 -27.88 -9.90 -18.33
C ALA A 18 -27.94 -10.69 -17.02
N ALA A 19 -29.03 -11.44 -16.84
CA ALA A 19 -29.11 -12.38 -15.73
C ALA A 19 -28.17 -13.56 -15.94
N LEU A 20 -27.44 -13.92 -14.90
CA LEU A 20 -26.48 -15.01 -15.00
C LEU A 20 -27.19 -16.35 -14.79
N HIS A 21 -26.80 -17.34 -15.59
CA HIS A 21 -27.38 -18.68 -15.54
C HIS A 21 -26.30 -19.69 -15.85
N GLY A 22 -26.25 -20.78 -15.09
CA GLY A 22 -25.33 -21.83 -15.44
C GLY A 22 -24.66 -22.39 -14.21
N GLU A 23 -23.54 -23.08 -14.42
CA GLU A 23 -22.80 -23.66 -13.31
C GLU A 23 -21.32 -23.33 -13.42
N VAL A 24 -20.70 -23.20 -12.26
CA VAL A 24 -19.26 -22.97 -12.18
C VAL A 24 -18.73 -23.79 -11.02
N SER A 25 -17.43 -23.97 -11.02
CA SER A 25 -16.72 -24.61 -9.92
CA SER A 25 -16.74 -24.60 -9.91
C SER A 25 -15.62 -23.69 -9.46
N ILE A 26 -15.30 -23.76 -8.17
CA ILE A 26 -14.25 -22.92 -7.63
C ILE A 26 -13.15 -23.87 -7.18
N SER A 27 -11.95 -23.32 -7.02
CA SER A 27 -10.81 -24.11 -6.54
C SER A 27 -10.50 -23.73 -5.10
N GLY A 28 -9.28 -24.06 -4.65
CA GLY A 28 -8.96 -24.05 -3.21
C GLY A 28 -8.68 -22.67 -2.64
N ALA A 29 -8.92 -22.54 -1.33
CA ALA A 29 -8.65 -21.28 -0.65
C ALA A 29 -7.15 -21.07 -0.49
N LYS A 30 -6.71 -19.82 -0.68
CA LYS A 30 -5.29 -19.48 -0.54
C LYS A 30 -4.78 -19.80 0.87
N ASN A 31 -5.51 -19.36 1.88
CA ASN A 31 -5.02 -19.53 3.23
C ASN A 31 -5.13 -20.97 3.70
N ALA A 32 -5.65 -21.86 2.84
CA ALA A 32 -5.51 -23.28 3.09
C ALA A 32 -4.30 -23.84 2.34
N VAL A 33 -4.13 -23.48 1.07
CA VAL A 33 -3.13 -24.19 0.26
C VAL A 33 -1.71 -23.83 0.69
N LEU A 34 -1.48 -22.59 1.14
CA LEU A 34 -0.10 -22.20 1.45
C LEU A 34 0.46 -22.96 2.65
N PRO A 35 -0.18 -22.97 3.83
CA PRO A 35 0.37 -23.79 4.91
C PRO A 35 0.39 -25.27 4.57
N ILE A 36 -0.55 -25.73 3.75
CA ILE A 36 -0.59 -27.15 3.41
C ILE A 36 0.63 -27.51 2.55
N LEU A 37 1.01 -26.64 1.61
CA LEU A 37 2.23 -26.91 0.86
C LEU A 37 3.45 -26.94 1.78
N CYS A 38 3.50 -26.02 2.74
CA CYS A 38 4.63 -26.03 3.66
C CYS A 38 4.62 -27.29 4.51
N ALA A 39 3.43 -27.78 4.85
CA ALA A 39 3.33 -28.95 5.71
C ALA A 39 3.92 -30.19 5.05
N THR A 40 4.03 -30.22 3.71
CA THR A 40 4.60 -31.39 3.05
C THR A 40 6.06 -31.60 3.45
N LEU A 41 6.76 -30.54 3.88
CA LEU A 41 8.11 -30.70 4.39
C LEU A 41 8.18 -31.62 5.61
N LEU A 42 7.06 -31.82 6.31
CA LEU A 42 7.03 -32.71 7.47
C LEU A 42 7.00 -34.18 7.08
N ALA A 43 6.66 -34.51 5.84
CA ALA A 43 6.29 -35.87 5.49
C ALA A 43 7.51 -36.68 5.02
N ASP A 44 7.38 -38.02 5.15
CA ASP A 44 8.41 -38.98 4.75
C ASP A 44 8.31 -39.44 3.31
N GLU A 45 7.18 -39.21 2.66
CA GLU A 45 6.88 -39.73 1.34
CA GLU A 45 6.92 -39.71 1.33
C GLU A 45 6.19 -38.64 0.54
N PRO A 46 6.09 -38.78 -0.79
CA PRO A 46 5.43 -37.74 -1.59
C PRO A 46 3.99 -37.49 -1.14
N VAL A 47 3.56 -36.24 -1.29
CA VAL A 47 2.22 -35.81 -0.93
C VAL A 47 1.59 -35.14 -2.15
N GLU A 48 0.39 -35.56 -2.51
CA GLU A 48 -0.33 -34.92 -3.61
C GLU A 48 -1.39 -33.98 -3.05
N ILE A 49 -1.30 -32.72 -3.44
CA ILE A 49 -2.26 -31.67 -3.07
C ILE A 49 -3.08 -31.33 -4.31
N THR A 50 -4.39 -31.51 -4.23
CA THR A 50 -5.30 -31.20 -5.32
C THR A 50 -6.18 -29.99 -4.99
N ASN A 51 -6.92 -29.55 -6.02
CA ASN A 51 -7.78 -28.36 -5.93
C ASN A 51 -6.97 -27.09 -5.67
N VAL A 52 -5.77 -27.01 -6.24
CA VAL A 52 -4.86 -25.89 -5.94
C VAL A 52 -5.20 -24.71 -6.85
N PRO A 53 -5.46 -23.53 -6.28
CA PRO A 53 -5.76 -22.36 -7.10
C PRO A 53 -4.51 -21.81 -7.77
N HIS A 54 -4.72 -21.00 -8.81
CA HIS A 54 -3.60 -20.28 -9.42
C HIS A 54 -3.48 -18.93 -8.72
N LEU A 55 -2.35 -18.76 -8.03
CA LEU A 55 -2.02 -17.55 -7.28
C LEU A 55 -0.52 -17.37 -7.34
N HIS A 56 -0.07 -16.12 -7.40
CA HIS A 56 1.36 -15.86 -7.37
C HIS A 56 2.01 -16.53 -6.16
N ASP A 57 1.35 -16.50 -5.00
CA ASP A 57 1.93 -17.11 -3.81
C ASP A 57 2.09 -18.62 -3.95
N VAL A 58 1.15 -19.29 -4.64
CA VAL A 58 1.32 -20.72 -4.89
C VAL A 58 2.56 -20.95 -5.75
N VAL A 59 2.74 -20.12 -6.78
CA VAL A 59 3.91 -20.24 -7.65
C VAL A 59 5.18 -20.03 -6.83
N THR A 60 5.18 -18.99 -5.98
CA THR A 60 6.37 -18.73 -5.16
C THR A 60 6.64 -19.89 -4.21
N THR A 61 5.59 -20.43 -3.60
CA THR A 61 5.78 -21.52 -2.63
C THR A 61 6.32 -22.77 -3.30
N VAL A 62 5.82 -23.10 -4.50
CA VAL A 62 6.38 -24.21 -5.26
C VAL A 62 7.86 -23.98 -5.50
N LYS A 63 8.24 -22.75 -5.87
CA LYS A 63 9.65 -22.44 -6.07
C LYS A 63 10.43 -22.59 -4.78
N LEU A 64 9.86 -22.12 -3.66
CA LEU A 64 10.55 -22.21 -2.39
C LEU A 64 10.82 -23.67 -2.03
N LEU A 65 9.81 -24.53 -2.19
CA LEU A 65 10.00 -25.94 -1.87
C LEU A 65 11.12 -26.53 -2.72
N GLY A 66 11.16 -26.16 -4.00
CA GLY A 66 12.22 -26.64 -4.86
C GLY A 66 13.59 -26.18 -4.40
N GLU A 67 13.69 -24.91 -3.99
CA GLU A 67 14.99 -24.43 -3.54
C GLU A 67 15.42 -25.05 -2.22
N LEU A 68 14.46 -25.49 -1.40
CA LEU A 68 14.80 -26.26 -0.21
C LEU A 68 15.20 -27.70 -0.55
N GLY A 69 14.99 -28.14 -1.78
CA GLY A 69 15.42 -29.45 -2.22
C GLY A 69 14.30 -30.42 -2.53
N ALA A 70 13.04 -30.04 -2.32
CA ALA A 70 11.94 -30.92 -2.67
C ALA A 70 11.81 -31.01 -4.19
N LYS A 71 11.26 -32.12 -4.67
CA LYS A 71 10.91 -32.29 -6.08
C LYS A 71 9.40 -32.08 -6.22
N VAL A 72 9.02 -31.12 -7.05
CA VAL A 72 7.62 -30.69 -7.15
C VAL A 72 7.18 -30.74 -8.60
N THR A 73 6.03 -31.34 -8.85
CA THR A 73 5.41 -31.36 -10.18
C THR A 73 4.03 -30.73 -10.09
N ILE A 74 3.64 -30.07 -11.18
CA ILE A 74 2.37 -29.35 -11.24
C ILE A 74 1.62 -29.76 -12.49
N ASP A 75 0.36 -30.12 -12.32
CA ASP A 75 -0.59 -30.25 -13.42
CA ASP A 75 -0.61 -30.27 -13.41
C ASP A 75 -1.54 -29.06 -13.33
N GLN A 76 -1.45 -28.18 -14.30
CA GLN A 76 -2.18 -26.91 -14.21
C GLN A 76 -3.69 -27.09 -14.26
N GLY A 77 -4.38 -26.36 -13.39
CA GLY A 77 -5.82 -26.38 -13.35
C GLY A 77 -6.45 -25.69 -14.55
N THR A 78 -7.78 -25.77 -14.56
CA THR A 78 -8.64 -25.24 -15.62
C THR A 78 -9.78 -24.43 -15.02
N LEU A 79 -10.72 -23.99 -15.86
CA LEU A 79 -11.91 -23.30 -15.37
C LEU A 79 -12.71 -24.18 -14.42
N SER A 80 -12.67 -25.50 -14.63
CA SER A 80 -13.53 -26.41 -13.89
C SER A 80 -12.78 -27.27 -12.88
N ARG A 81 -11.47 -27.12 -12.77
CA ARG A 81 -10.69 -27.95 -11.85
C ARG A 81 -9.44 -27.21 -11.41
N GLY A 82 -9.12 -27.29 -10.12
CA GLY A 82 -7.89 -26.68 -9.65
C GLY A 82 -6.68 -27.51 -10.04
N SER A 83 -5.50 -26.97 -9.78
CA SER A 83 -4.27 -27.67 -10.14
C SER A 83 -4.01 -28.84 -9.20
N ALA A 84 -3.16 -29.77 -9.65
CA ALA A 84 -2.68 -30.87 -8.82
C ALA A 84 -1.17 -30.75 -8.67
N ILE A 85 -0.69 -30.72 -7.42
CA ILE A 85 0.72 -30.57 -7.12
C ILE A 85 1.21 -31.81 -6.37
N VAL A 86 2.31 -32.41 -6.83
CA VAL A 86 2.93 -33.52 -6.10
C VAL A 86 4.26 -33.03 -5.53
N VAL A 87 4.41 -33.13 -4.20
CA VAL A 87 5.63 -32.72 -3.50
C VAL A 87 6.33 -33.96 -2.99
N ASP A 88 7.56 -34.18 -3.45
CA ASP A 88 8.42 -35.21 -2.89
C ASP A 88 9.36 -34.54 -1.91
N PRO A 89 9.10 -34.63 -0.60
CA PRO A 89 9.96 -33.96 0.39
C PRO A 89 11.22 -34.71 0.74
N ARG A 90 11.37 -35.95 0.28
CA ARG A 90 12.50 -36.78 0.68
C ARG A 90 13.87 -36.15 0.39
N PRO A 91 14.15 -35.58 -0.78
CA PRO A 91 15.47 -34.98 -1.00
C PRO A 91 15.65 -33.59 -0.42
N VAL A 92 14.73 -33.10 0.42
CA VAL A 92 14.91 -31.79 1.04
C VAL A 92 16.22 -31.79 1.84
N ASN A 93 17.05 -30.77 1.61
CA ASN A 93 18.37 -30.74 2.23
C ASN A 93 18.76 -29.36 2.77
N GLN A 94 17.83 -28.42 2.90
CA GLN A 94 18.15 -27.07 3.32
C GLN A 94 17.18 -26.65 4.40
N HIS A 95 17.70 -26.09 5.48
CA HIS A 95 16.88 -25.56 6.56
C HIS A 95 16.89 -24.04 6.57
N VAL A 96 17.66 -23.41 5.69
CA VAL A 96 17.69 -21.96 5.56
C VAL A 96 16.86 -21.58 4.34
N ALA A 97 15.76 -20.88 4.57
CA ALA A 97 14.93 -20.43 3.46
C ALA A 97 15.60 -19.25 2.77
N PRO A 98 15.74 -19.27 1.45
CA PRO A 98 16.50 -18.22 0.75
C PRO A 98 15.78 -16.88 0.77
N TYR A 99 16.51 -15.84 1.20
CA TYR A 99 15.95 -14.49 1.23
C TYR A 99 15.36 -14.06 -0.11
N GLU A 100 16.04 -14.41 -1.22
CA GLU A 100 15.60 -13.93 -2.53
C GLU A 100 14.18 -14.36 -2.85
N LEU A 101 13.77 -15.55 -2.43
CA LEU A 101 12.38 -15.94 -2.60
C LEU A 101 11.50 -15.45 -1.46
N VAL A 102 11.98 -15.60 -0.23
CA VAL A 102 11.16 -15.28 0.93
C VAL A 102 10.71 -13.83 0.89
N LYS A 103 11.56 -12.93 0.38
CA LYS A 103 11.29 -11.51 0.45
C LYS A 103 10.05 -11.09 -0.32
N THR A 104 9.49 -11.94 -1.20
CA THR A 104 8.33 -11.58 -1.99
C THR A 104 7.03 -12.14 -1.43
N MET A 105 7.08 -12.82 -0.29
CA MET A 105 5.92 -13.56 0.21
C MET A 105 5.95 -13.62 1.73
N ARG A 106 5.05 -12.89 2.40
CA ARG A 106 5.02 -12.93 3.87
C ARG A 106 4.68 -14.31 4.40
N ALA A 107 3.86 -15.06 3.66
CA ALA A 107 3.49 -16.42 4.03
C ALA A 107 4.68 -17.37 4.12
N SER A 108 5.87 -16.90 3.74
CA SER A 108 7.07 -17.74 3.82
CA SER A 108 7.06 -17.74 3.82
C SER A 108 7.39 -18.16 5.26
N ILE A 109 6.89 -17.42 6.25
CA ILE A 109 7.11 -17.79 7.65
C ILE A 109 6.58 -19.19 7.95
N LEU A 110 5.68 -19.70 7.12
CA LEU A 110 5.07 -21.00 7.36
C LEU A 110 6.01 -22.18 7.15
N VAL A 111 7.22 -21.96 6.60
CA VAL A 111 8.22 -23.04 6.58
C VAL A 111 8.98 -23.14 7.90
N LEU A 112 8.87 -22.16 8.79
CA LEU A 112 9.67 -22.18 10.01
C LEU A 112 9.34 -23.39 10.88
N GLY A 113 8.06 -23.60 11.18
CA GLY A 113 7.62 -24.73 11.97
C GLY A 113 7.98 -26.08 11.40
N PRO A 114 7.60 -26.33 10.14
CA PRO A 114 7.99 -27.60 9.49
C PRO A 114 9.49 -27.85 9.44
N LEU A 115 10.28 -26.88 8.98
CA LEU A 115 11.73 -27.11 8.90
C LEU A 115 12.32 -27.34 10.28
N LEU A 116 11.87 -26.58 11.28
CA LEU A 116 12.35 -26.80 12.63
C LEU A 116 12.01 -28.20 13.12
N ALA A 117 10.78 -28.65 12.90
CA ALA A 117 10.37 -29.96 13.40
C ALA A 117 11.12 -31.09 12.68
N ARG A 118 11.27 -30.97 11.37
CA ARG A 118 11.92 -32.02 10.58
C ARG A 118 13.44 -32.03 10.79
N PHE A 119 14.06 -30.85 10.84
CA PHE A 119 15.51 -30.75 10.81
C PHE A 119 16.15 -30.40 12.15
N GLY A 120 15.38 -29.92 13.12
CA GLY A 120 15.96 -29.42 14.34
C GLY A 120 16.56 -28.03 14.21
N ALA A 121 16.41 -27.39 13.06
CA ALA A 121 16.96 -26.08 12.78
C ALA A 121 16.14 -25.47 11.64
N ALA A 122 16.02 -24.14 11.66
CA ALA A 122 15.31 -23.41 10.62
C ALA A 122 15.70 -21.94 10.71
N GLU A 123 15.84 -21.30 9.55
CA GLU A 123 16.17 -19.88 9.46
C GLU A 123 15.28 -19.27 8.38
N VAL A 124 14.52 -18.24 8.74
CA VAL A 124 13.66 -17.54 7.80
C VAL A 124 13.86 -16.05 8.00
N SER A 125 13.92 -15.31 6.89
CA SER A 125 14.06 -13.87 6.96
C SER A 125 12.86 -13.25 7.67
N LEU A 126 13.12 -12.18 8.42
CA LEU A 126 12.05 -11.33 8.92
C LEU A 126 11.24 -10.77 7.74
N PRO A 127 9.93 -10.63 7.88
CA PRO A 127 9.12 -10.01 6.81
C PRO A 127 9.41 -8.51 6.67
N GLY A 128 8.91 -7.95 5.58
CA GLY A 128 9.02 -6.51 5.35
C GLY A 128 7.85 -5.73 5.93
N PRO A 136 2.05 -9.87 14.92
CA PRO A 136 2.99 -9.86 13.81
C PRO A 136 3.67 -11.22 13.74
N VAL A 137 4.99 -11.20 13.86
CA VAL A 137 5.80 -12.42 13.88
C VAL A 137 5.92 -12.98 15.29
N ASP A 138 5.55 -12.21 16.32
CA ASP A 138 5.88 -12.61 17.68
C ASP A 138 5.12 -13.86 18.12
N GLN A 139 3.86 -14.02 17.68
CA GLN A 139 3.10 -15.20 18.08
C GLN A 139 3.74 -16.49 17.55
N HIS A 140 4.32 -16.44 16.34
CA HIS A 140 5.03 -17.59 15.79
C HIS A 140 6.24 -17.93 16.63
N ILE A 141 7.05 -16.92 16.98
CA ILE A 141 8.24 -17.15 17.77
C ILE A 141 7.89 -17.63 19.18
N LYS A 142 6.96 -16.93 19.86
CA LYS A 142 6.55 -17.33 21.20
C LYS A 142 5.96 -18.73 21.22
N GLY A 143 5.10 -19.04 20.24
CA GLY A 143 4.47 -20.35 20.22
C GLY A 143 5.47 -21.47 20.05
N LEU A 144 6.45 -21.30 19.15
CA LEU A 144 7.48 -22.32 18.96
C LEU A 144 8.39 -22.40 20.17
N GLN A 145 8.62 -21.28 20.85
CA GLN A 145 9.40 -21.30 22.09
C GLN A 145 8.69 -22.09 23.18
N ALA A 146 7.35 -22.04 23.21
CA ALA A 146 6.59 -22.83 24.16
C ALA A 146 6.74 -24.33 23.92
N LEU A 147 7.12 -24.72 22.71
CA LEU A 147 7.42 -26.11 22.37
C LEU A 147 8.89 -26.45 22.57
N GLY A 148 9.66 -25.55 23.16
CA GLY A 148 11.03 -25.84 23.50
C GLY A 148 12.07 -25.38 22.50
N ALA A 149 11.69 -24.58 21.51
CA ALA A 149 12.66 -24.11 20.53
C ALA A 149 13.47 -22.96 21.09
N GLU A 150 14.77 -22.96 20.78
CA GLU A 150 15.62 -21.81 20.98
C GLU A 150 15.54 -20.95 19.72
N ILE A 151 15.05 -19.72 19.86
CA ILE A 151 14.87 -18.84 18.72
C ILE A 151 15.48 -17.50 19.03
N VAL A 152 16.31 -17.01 18.12
CA VAL A 152 16.87 -15.66 18.18
C VAL A 152 16.69 -15.01 16.82
N VAL A 153 16.71 -13.69 16.82
CA VAL A 153 16.70 -12.90 15.60
C VAL A 153 18.06 -12.25 15.49
N GLU A 154 18.81 -12.59 14.44
CA GLU A 154 20.08 -11.91 14.19
C GLU A 154 20.25 -11.69 12.70
N ASN A 155 20.75 -10.51 12.35
CA ASN A 155 20.98 -10.11 10.96
C ASN A 155 19.70 -10.22 10.14
N GLY A 156 18.56 -9.92 10.79
CA GLY A 156 17.31 -9.94 10.07
C GLY A 156 16.78 -11.33 9.74
N PHE A 157 17.29 -12.37 10.39
CA PHE A 157 16.80 -13.72 10.23
C PHE A 157 16.23 -14.24 11.55
N ILE A 158 15.09 -14.92 11.46
CA ILE A 158 14.61 -15.73 12.58
C ILE A 158 15.36 -17.06 12.53
N LYS A 159 16.15 -17.33 13.57
CA LYS A 159 16.96 -18.55 13.63
C LYS A 159 16.47 -19.39 14.80
N ALA A 160 15.96 -20.58 14.50
CA ALA A 160 15.37 -21.47 15.47
C ALA A 160 16.12 -22.79 15.50
N SER A 161 16.23 -23.38 16.68
CA SER A 161 16.85 -24.69 16.79
C SER A 161 16.21 -25.44 17.95
N ALA A 162 16.16 -26.76 17.81
CA ALA A 162 15.67 -27.64 18.87
C ALA A 162 16.04 -29.06 18.52
N LYS A 163 16.84 -29.71 19.38
CA LYS A 163 17.10 -31.13 19.20
C LYS A 163 15.79 -31.88 19.04
N ARG A 164 14.82 -31.57 19.90
CA ARG A 164 13.54 -32.27 19.91
C ARG A 164 12.47 -31.32 20.45
N LEU A 165 11.45 -31.06 19.66
CA LEU A 165 10.32 -30.25 20.13
C LEU A 165 9.51 -31.05 21.14
N LYS A 166 8.95 -30.35 22.13
CA LYS A 166 8.31 -30.98 23.28
C LYS A 166 6.91 -30.40 23.50
N GLY A 167 5.93 -31.28 23.70
CA GLY A 167 4.56 -30.80 23.84
C GLY A 167 4.40 -29.90 25.06
N GLY A 168 3.64 -28.82 24.88
CA GLY A 168 3.35 -27.96 26.01
C GLY A 168 2.06 -27.19 25.80
N HIS A 169 1.78 -26.29 26.74
CA HIS A 169 0.63 -25.42 26.65
C HIS A 169 1.06 -24.06 26.11
N PHE A 170 0.21 -23.46 25.27
CA PHE A 170 0.44 -22.11 24.77
C PHE A 170 -0.88 -21.42 24.45
N THR A 171 -1.00 -20.17 24.88
CA THR A 171 -2.15 -19.33 24.54
C THR A 171 -1.69 -18.19 23.65
N PHE A 172 -2.34 -18.06 22.49
CA PHE A 172 -2.08 -16.92 21.61
C PHE A 172 -2.61 -15.64 22.25
N ASP A 173 -1.78 -14.60 22.24
CA ASP A 173 -2.21 -13.31 22.77
C ASP A 173 -3.36 -12.73 21.94
N MET A 174 -3.20 -12.69 20.63
CA MET A 174 -4.29 -12.34 19.72
C MET A 174 -4.45 -13.47 18.72
N VAL A 175 -5.67 -13.61 18.22
CA VAL A 175 -5.94 -14.65 17.23
C VAL A 175 -5.07 -14.41 16.00
N SER A 176 -4.38 -15.46 15.55
CA SER A 176 -3.49 -15.38 14.40
C SER A 176 -3.73 -16.62 13.56
N VAL A 177 -4.16 -16.43 12.31
CA VAL A 177 -4.39 -17.57 11.44
C VAL A 177 -3.07 -18.28 11.14
N THR A 178 -2.06 -17.53 10.70
CA THR A 178 -0.80 -18.15 10.33
C THR A 178 0.01 -18.56 11.56
N GLY A 179 -0.13 -17.82 12.67
CA GLY A 179 0.44 -18.27 13.93
C GLY A 179 -0.10 -19.62 14.36
N THR A 180 -1.43 -19.76 14.36
CA THR A 180 -2.01 -21.04 14.69
C THR A 180 -1.44 -22.14 13.79
N GLU A 181 -1.34 -21.87 12.49
CA GLU A 181 -0.88 -22.88 11.55
C GLU A 181 0.58 -23.26 11.80
N ASN A 182 1.45 -22.26 12.02
CA ASN A 182 2.87 -22.55 12.17
C ASN A 182 3.14 -23.37 13.43
N VAL A 183 2.52 -22.98 14.54
CA VAL A 183 2.73 -23.70 15.78
C VAL A 183 2.13 -25.08 15.71
N LEU A 184 0.96 -25.22 15.07
CA LEU A 184 0.37 -26.54 14.90
C LEU A 184 1.33 -27.48 14.19
N MET A 185 1.94 -27.01 13.10
CA MET A 185 2.88 -27.85 12.37
C MET A 185 4.08 -28.22 13.23
N GLY A 186 4.49 -27.34 14.15
CA GLY A 186 5.56 -27.70 15.06
C GLY A 186 5.17 -28.74 16.07
N ALA A 187 3.88 -28.79 16.45
CA ALA A 187 3.44 -29.67 17.52
C ALA A 187 3.19 -31.09 17.05
N VAL A 188 2.87 -31.29 15.76
CA VAL A 188 2.36 -32.60 15.35
C VAL A 188 3.45 -33.67 15.44
N LEU A 189 4.71 -33.30 15.31
CA LEU A 189 5.81 -34.26 15.48
C LEU A 189 6.56 -34.05 16.78
N ALA A 190 6.09 -33.17 17.65
CA ALA A 190 6.78 -32.95 18.92
C ALA A 190 6.62 -34.17 19.82
N GLU A 191 7.50 -34.26 20.80
CA GLU A 191 7.45 -35.33 21.78
C GLU A 191 6.46 -34.93 22.87
N GLY A 192 5.38 -35.68 22.98
CA GLY A 192 4.39 -35.41 24.01
C GLY A 192 3.18 -34.68 23.46
N THR A 193 2.41 -34.09 24.38
CA THR A 193 1.09 -33.57 24.06
C THR A 193 1.06 -32.05 24.21
N THR A 194 0.52 -31.38 23.20
CA THR A 194 0.44 -29.92 23.14
C THR A 194 -1.01 -29.48 23.21
N VAL A 195 -1.26 -28.40 23.92
CA VAL A 195 -2.56 -27.73 23.92
C VAL A 195 -2.34 -26.28 23.53
N LEU A 196 -3.00 -25.85 22.45
CA LEU A 196 -2.95 -24.49 21.97
C LEU A 196 -4.30 -23.82 22.26
N ASP A 197 -4.28 -22.68 22.95
CA ASP A 197 -5.50 -21.94 23.24
C ASP A 197 -5.56 -20.63 22.47
N ASN A 198 -6.78 -20.13 22.28
CA ASN A 198 -7.05 -18.92 21.50
C ASN A 198 -6.61 -19.09 20.05
N CYS A 199 -6.87 -20.28 19.49
CA CYS A 199 -6.52 -20.55 18.10
C CYS A 199 -7.49 -19.89 17.14
N ALA A 200 -7.02 -19.59 15.93
CA ALA A 200 -7.95 -19.14 14.90
C ALA A 200 -8.88 -20.28 14.52
N MET A 201 -10.14 -19.96 14.24
CA MET A 201 -11.17 -20.93 13.94
C MET A 201 -11.60 -20.91 12.47
N GLU A 202 -10.92 -20.15 11.63
CA GLU A 202 -11.30 -20.11 10.21
C GLU A 202 -11.22 -21.51 9.61
N PRO A 203 -12.11 -21.83 8.67
CA PRO A 203 -12.10 -23.17 8.06
C PRO A 203 -10.78 -23.55 7.38
N GLU A 204 -9.98 -22.58 6.97
CA GLU A 204 -8.68 -22.86 6.36
C GLU A 204 -7.72 -23.46 7.38
N VAL A 205 -7.76 -22.98 8.62
CA VAL A 205 -7.00 -23.60 9.70
C VAL A 205 -7.43 -25.05 9.88
N THR A 206 -8.74 -25.27 10.02
CA THR A 206 -9.25 -26.62 10.17
C THR A 206 -8.83 -27.50 8.98
N ASP A 207 -8.76 -26.92 7.77
CA ASP A 207 -8.39 -27.73 6.62
C ASP A 207 -6.93 -28.18 6.72
N LEU A 208 -6.04 -27.30 7.17
CA LEU A 208 -4.67 -27.73 7.44
C LEU A 208 -4.66 -28.89 8.43
N ALA A 209 -5.47 -28.79 9.50
CA ALA A 209 -5.49 -29.88 10.48
C ALA A 209 -5.98 -31.17 9.85
N HIS A 210 -7.00 -31.11 9.00
CA HIS A 210 -7.45 -32.32 8.31
C HIS A 210 -6.30 -32.93 7.50
N CYS A 211 -5.52 -32.08 6.84
CA CYS A 211 -4.37 -32.56 6.06
C CYS A 211 -3.35 -33.24 6.95
N LEU A 212 -3.00 -32.60 8.08
CA LEU A 212 -2.02 -33.21 8.97
C LEU A 212 -2.51 -34.55 9.47
N ILE A 213 -3.79 -34.64 9.84
CA ILE A 213 -4.34 -35.92 10.29
C ILE A 213 -4.24 -36.95 9.16
N ALA A 214 -4.51 -36.53 7.92
CA ALA A 214 -4.42 -37.48 6.80
C ALA A 214 -3.02 -38.05 6.66
N LEU A 215 -2.00 -37.29 7.06
CA LEU A 215 -0.63 -37.76 7.04
C LEU A 215 -0.21 -38.45 8.33
N GLY A 216 -1.11 -38.57 9.30
CA GLY A 216 -0.81 -39.32 10.51
C GLY A 216 -0.84 -38.51 11.80
N ALA A 217 -1.13 -37.21 11.76
CA ALA A 217 -1.16 -36.43 12.98
C ALA A 217 -2.39 -36.80 13.83
N LYS A 218 -2.30 -36.51 15.13
CA LYS A 218 -3.41 -36.71 16.04
C LYS A 218 -3.78 -35.36 16.62
N ILE A 219 -4.88 -34.78 16.15
CA ILE A 219 -5.31 -33.45 16.55
C ILE A 219 -6.80 -33.53 16.89
N GLU A 220 -7.18 -32.99 18.04
CA GLU A 220 -8.57 -32.92 18.46
C GLU A 220 -8.92 -31.46 18.74
N GLY A 221 -10.21 -31.16 18.73
CA GLY A 221 -10.68 -29.80 18.90
C GLY A 221 -10.83 -29.02 17.61
N LEU A 222 -10.85 -29.70 16.46
CA LEU A 222 -10.91 -29.01 15.19
C LEU A 222 -12.12 -28.08 15.15
N GLY A 223 -11.93 -26.90 14.58
CA GLY A 223 -12.99 -25.91 14.52
C GLY A 223 -13.18 -25.09 15.77
N THR A 224 -12.41 -25.32 16.82
CA THR A 224 -12.55 -24.59 18.07
C THR A 224 -11.27 -23.83 18.36
N ALA A 225 -11.33 -22.96 19.39
CA ALA A 225 -10.18 -22.19 19.85
C ALA A 225 -9.14 -23.03 20.59
N ARG A 226 -9.45 -24.28 20.95
CA ARG A 226 -8.49 -25.15 21.63
C ARG A 226 -8.18 -26.39 20.79
N LEU A 227 -6.91 -26.51 20.41
CA LEU A 227 -6.42 -27.67 19.68
C LEU A 227 -5.55 -28.49 20.62
N VAL A 228 -5.78 -29.81 20.66
CA VAL A 228 -5.04 -30.75 21.49
C VAL A 228 -4.32 -31.71 20.55
N ILE A 229 -2.99 -31.76 20.66
CA ILE A 229 -2.17 -32.50 19.70
C ILE A 229 -1.34 -33.53 20.45
N GLU A 230 -1.50 -34.79 20.07
CA GLU A 230 -0.68 -35.88 20.58
C GLU A 230 0.42 -36.07 19.55
N GLY A 231 1.65 -35.72 19.92
CA GLY A 231 2.75 -35.76 18.96
C GLY A 231 2.99 -37.17 18.47
N VAL A 232 3.29 -37.31 17.17
CA VAL A 232 3.63 -38.60 16.58
C VAL A 232 5.06 -38.53 16.05
N GLU A 233 5.62 -39.70 15.76
CA GLU A 233 7.02 -39.76 15.39
C GLU A 233 7.24 -39.34 13.93
N ARG A 234 6.33 -39.70 13.02
CA ARG A 234 6.52 -39.39 11.61
C ARG A 234 5.18 -39.12 10.94
N LEU A 235 5.21 -38.25 9.93
CA LEU A 235 4.08 -38.10 9.01
C LEU A 235 4.38 -38.87 7.72
N SER A 236 3.35 -39.52 7.19
CA SER A 236 3.49 -40.31 5.98
C SER A 236 3.29 -39.41 4.76
N GLY A 237 3.35 -40.01 3.58
CA GLY A 237 2.86 -39.37 2.39
C GLY A 237 1.36 -39.54 2.31
N GLY A 238 0.77 -39.00 1.26
CA GLY A 238 -0.67 -39.10 1.13
C GLY A 238 -1.20 -38.09 0.14
N ARG A 239 -2.48 -37.78 0.32
CA ARG A 239 -3.24 -36.95 -0.59
C ARG A 239 -4.13 -36.01 0.21
N HIS A 240 -4.35 -34.80 -0.31
CA HIS A 240 -5.29 -33.88 0.34
C HIS A 240 -5.89 -32.96 -0.72
N GLU A 241 -7.22 -32.85 -0.71
CA GLU A 241 -7.94 -31.92 -1.56
C GLU A 241 -8.19 -30.62 -0.80
N VAL A 242 -7.63 -29.51 -1.31
CA VAL A 242 -7.74 -28.25 -0.59
C VAL A 242 -9.19 -27.81 -0.46
N LEU A 243 -9.52 -27.30 0.74
CA LEU A 243 -10.83 -26.73 1.02
C LEU A 243 -11.21 -25.73 -0.08
N PRO A 244 -12.41 -25.83 -0.65
CA PRO A 244 -12.89 -24.83 -1.62
C PRO A 244 -12.88 -23.43 -1.04
N ASP A 245 -12.55 -22.45 -1.89
CA ASP A 245 -12.50 -21.04 -1.52
C ASP A 245 -13.91 -20.53 -1.23
N ARG A 246 -14.21 -20.24 0.05
CA ARG A 246 -15.55 -19.76 0.38
C ARG A 246 -15.80 -18.36 -0.15
N ILE A 247 -14.76 -17.54 -0.30
CA ILE A 247 -14.94 -16.17 -0.78
C ILE A 247 -15.29 -16.17 -2.28
N GLU A 248 -14.55 -16.96 -3.07
CA GLU A 248 -14.91 -17.11 -4.48
C GLU A 248 -16.33 -17.65 -4.63
N THR A 249 -16.68 -18.66 -3.84
CA THR A 249 -18.04 -19.20 -3.86
C THR A 249 -19.05 -18.09 -3.63
N GLY A 250 -18.85 -17.30 -2.57
CA GLY A 250 -19.79 -16.23 -2.28
C GLY A 250 -19.86 -15.20 -3.39
N THR A 251 -18.72 -14.86 -3.97
CA THR A 251 -18.72 -13.87 -5.04
C THR A 251 -19.61 -14.30 -6.20
N PHE A 252 -19.53 -15.58 -6.62
CA PHE A 252 -20.38 -16.04 -7.72
C PHE A 252 -21.85 -16.11 -7.31
N LEU A 253 -22.13 -16.51 -6.07
CA LEU A 253 -23.53 -16.48 -5.60
C LEU A 253 -24.06 -15.06 -5.57
N VAL A 254 -23.26 -14.11 -5.12
CA VAL A 254 -23.70 -12.72 -5.11
C VAL A 254 -23.94 -12.21 -6.51
N ALA A 255 -23.04 -12.56 -7.45
CA ALA A 255 -23.23 -12.14 -8.83
C ALA A 255 -24.53 -12.69 -9.40
N ALA A 256 -24.84 -13.97 -9.14
CA ALA A 256 -26.13 -14.52 -9.54
C ALA A 256 -27.28 -13.76 -8.91
N ALA A 257 -27.20 -13.51 -7.60
CA ALA A 257 -28.28 -12.86 -6.88
C ALA A 257 -28.56 -11.47 -7.46
N MET A 258 -27.52 -10.67 -7.68
CA MET A 258 -27.76 -9.28 -8.03
C MET A 258 -28.19 -9.07 -9.49
N THR A 259 -27.95 -10.06 -10.36
CA THR A 259 -28.43 -10.02 -11.74
C THR A 259 -29.78 -10.72 -11.91
N GLY A 260 -30.37 -11.21 -10.82
CA GLY A 260 -31.64 -11.91 -10.95
C GLY A 260 -31.56 -13.26 -11.63
N GLY A 261 -30.42 -13.93 -11.54
CA GLY A 261 -30.18 -15.16 -12.26
C GLY A 261 -30.33 -16.40 -11.39
N LYS A 262 -29.74 -17.50 -11.85
CA LYS A 262 -29.77 -18.78 -11.16
C LYS A 262 -28.47 -19.49 -11.48
N VAL A 263 -27.70 -19.84 -10.44
CA VAL A 263 -26.39 -20.48 -10.62
CA VAL A 263 -26.42 -20.51 -10.66
C VAL A 263 -26.23 -21.63 -9.64
N THR A 264 -25.55 -22.68 -10.08
CA THR A 264 -25.10 -23.76 -9.22
C THR A 264 -23.58 -23.69 -9.14
N VAL A 265 -23.05 -23.64 -7.92
CA VAL A 265 -21.61 -23.70 -7.70
C VAL A 265 -21.28 -25.13 -7.29
N ASN A 266 -20.41 -25.79 -8.07
CA ASN A 266 -20.04 -27.17 -7.84
C ASN A 266 -18.71 -27.24 -7.10
N ARG A 267 -18.45 -28.39 -6.49
CA ARG A 267 -17.28 -28.58 -5.63
C ARG A 267 -17.21 -27.47 -4.57
N ALA A 268 -18.36 -27.20 -3.97
CA ALA A 268 -18.51 -26.26 -2.86
C ALA A 268 -18.43 -26.99 -1.52
N ARG A 269 -18.33 -26.21 -0.45
CA ARG A 269 -18.33 -26.72 0.92
C ARG A 269 -19.34 -25.88 1.70
N PRO A 270 -20.64 -26.20 1.59
CA PRO A 270 -21.66 -25.32 2.15
C PRO A 270 -21.53 -25.05 3.64
N ASN A 271 -21.05 -25.99 4.45
CA ASN A 271 -21.01 -25.71 5.88
C ASN A 271 -19.88 -24.74 6.25
N THR A 272 -19.21 -24.14 5.26
CA THR A 272 -18.32 -23.01 5.50
C THR A 272 -18.95 -21.70 5.03
N MET A 273 -20.23 -21.73 4.66
CA MET A 273 -20.88 -20.60 3.99
C MET A 273 -22.15 -20.13 4.69
N ASP A 274 -22.41 -20.59 5.91
CA ASP A 274 -23.73 -20.36 6.53
C ASP A 274 -24.11 -18.88 6.55
N ALA A 275 -23.22 -18.02 7.05
CA ALA A 275 -23.58 -16.62 7.22
C ALA A 275 -23.85 -15.96 5.87
N VAL A 276 -23.08 -16.35 4.86
CA VAL A 276 -23.26 -15.78 3.53
C VAL A 276 -24.56 -16.25 2.91
N LEU A 277 -24.86 -17.54 3.02
CA LEU A 277 -26.13 -18.04 2.45
C LEU A 277 -27.33 -17.42 3.17
N SER A 278 -27.24 -17.25 4.49
CA SER A 278 -28.35 -16.65 5.21
C SER A 278 -28.61 -15.22 4.73
N LYS A 279 -27.55 -14.46 4.48
CA LYS A 279 -27.70 -13.10 4.02
C LYS A 279 -28.28 -13.05 2.59
N LEU A 280 -27.90 -14.00 1.74
CA LEU A 280 -28.49 -14.07 0.40
C LEU A 280 -29.98 -14.41 0.47
N VAL A 281 -30.38 -15.31 1.39
CA VAL A 281 -31.81 -15.56 1.59
C VAL A 281 -32.51 -14.25 1.93
N GLU A 282 -31.89 -13.46 2.80
CA GLU A 282 -32.47 -12.16 3.14
C GLU A 282 -32.58 -11.27 1.92
N ALA A 283 -31.70 -11.43 0.93
CA ALA A 283 -31.77 -10.64 -0.27
C ALA A 283 -32.86 -11.12 -1.23
N GLY A 284 -33.56 -12.20 -0.89
CA GLY A 284 -34.57 -12.76 -1.77
C GLY A 284 -34.18 -14.01 -2.53
N ALA A 285 -33.03 -14.60 -2.26
CA ALA A 285 -32.58 -15.77 -3.00
C ALA A 285 -33.23 -17.05 -2.47
N LYS A 286 -33.57 -17.95 -3.40
CA LYS A 286 -33.96 -19.33 -3.10
C LYS A 286 -32.71 -20.20 -3.22
N ILE A 287 -32.35 -20.90 -2.14
CA ILE A 287 -31.08 -21.58 -2.07
C ILE A 287 -31.27 -23.04 -1.65
N GLU A 288 -30.66 -23.96 -2.39
CA GLU A 288 -30.50 -25.36 -2.00
C GLU A 288 -29.02 -25.72 -1.90
N THR A 289 -28.71 -26.70 -1.04
CA THR A 289 -27.33 -27.17 -0.89
C THR A 289 -27.30 -28.70 -0.86
N THR A 290 -26.28 -29.29 -1.48
CA THR A 290 -25.98 -30.70 -1.30
C THR A 290 -24.75 -30.81 -0.40
N ASP A 291 -24.05 -31.95 -0.46
CA ASP A 291 -22.80 -32.07 0.27
C ASP A 291 -21.65 -31.33 -0.39
N ASP A 292 -21.79 -31.00 -1.68
CA ASP A 292 -20.71 -30.34 -2.40
C ASP A 292 -21.20 -29.36 -3.44
N SER A 293 -22.44 -28.86 -3.34
CA SER A 293 -22.91 -27.88 -4.30
C SER A 293 -23.88 -26.93 -3.62
N ILE A 294 -24.01 -25.75 -4.23
CA ILE A 294 -24.95 -24.73 -3.80
C ILE A 294 -25.69 -24.24 -5.04
N THR A 295 -27.01 -24.19 -4.98
CA THR A 295 -27.83 -23.64 -6.05
C THR A 295 -28.59 -22.44 -5.54
N LEU A 296 -28.42 -21.31 -6.23
CA LEU A 296 -29.12 -20.08 -5.92
C LEU A 296 -30.01 -19.73 -7.10
N ASP A 297 -31.26 -19.40 -6.80
CA ASP A 297 -32.28 -19.03 -7.79
C ASP A 297 -32.99 -17.76 -7.32
N MET A 298 -32.89 -16.69 -8.11
CA MET A 298 -33.62 -15.46 -7.84
C MET A 298 -35.03 -15.48 -8.41
N GLN A 299 -35.36 -16.45 -9.27
CA GLN A 299 -36.69 -16.59 -9.83
C GLN A 299 -37.19 -15.29 -10.47
N GLY A 300 -36.28 -14.60 -11.17
CA GLY A 300 -36.64 -13.38 -11.88
C GLY A 300 -36.81 -12.14 -11.02
N ARG A 301 -36.41 -12.17 -9.75
CA ARG A 301 -36.54 -11.01 -8.88
C ARG A 301 -35.25 -10.22 -8.79
N ARG A 302 -35.38 -8.90 -8.66
CA ARG A 302 -34.26 -8.09 -8.21
C ARG A 302 -33.97 -8.41 -6.75
N PRO A 303 -32.72 -8.29 -6.31
CA PRO A 303 -32.40 -8.53 -4.90
C PRO A 303 -33.00 -7.45 -4.02
N LYS A 304 -33.32 -7.84 -2.79
CA LYS A 304 -33.63 -6.88 -1.73
C LYS A 304 -32.35 -6.46 -1.02
N ALA A 305 -32.26 -5.18 -0.67
CA ALA A 305 -31.11 -4.70 0.08
C ALA A 305 -30.99 -5.45 1.40
N VAL A 306 -29.75 -5.66 1.84
CA VAL A 306 -29.47 -6.39 3.08
C VAL A 306 -28.59 -5.54 3.99
N ASN A 307 -28.68 -5.84 5.27
CA ASN A 307 -27.87 -5.22 6.31
C ASN A 307 -26.85 -6.23 6.80
N LEU A 308 -25.66 -5.77 7.15
CA LEU A 308 -24.67 -6.73 7.63
C LEU A 308 -23.65 -6.00 8.48
N THR A 309 -23.02 -6.77 9.36
CA THR A 309 -21.93 -6.31 10.21
C THR A 309 -20.87 -7.39 10.12
N THR A 310 -19.66 -7.02 9.67
CA THR A 310 -18.61 -8.03 9.54
C THR A 310 -18.12 -8.46 10.92
N ALA A 311 -17.81 -9.74 11.06
CA ALA A 311 -17.48 -10.27 12.38
C ALA A 311 -16.65 -11.54 12.20
N PRO A 312 -15.96 -12.01 13.24
CA PRO A 312 -15.14 -13.21 13.09
C PRO A 312 -15.98 -14.42 12.67
N TYR A 313 -15.36 -15.30 11.89
CA TYR A 313 -15.96 -16.56 11.49
C TYR A 313 -16.49 -17.28 12.72
N PRO A 314 -17.69 -17.87 12.67
CA PRO A 314 -18.54 -18.12 11.49
C PRO A 314 -19.58 -17.04 11.17
N ALA A 315 -19.37 -15.82 11.67
CA ALA A 315 -20.31 -14.74 11.38
C ALA A 315 -20.01 -14.18 9.99
N PHE A 316 -20.52 -12.99 9.68
CA PHE A 316 -20.43 -12.51 8.31
C PHE A 316 -18.98 -12.11 7.96
N PRO A 317 -18.40 -12.66 6.90
CA PRO A 317 -16.97 -12.43 6.62
C PRO A 317 -16.70 -11.08 5.96
N THR A 318 -15.69 -10.38 6.49
CA THR A 318 -15.29 -9.12 5.90
C THR A 318 -14.95 -9.26 4.42
N ASP A 319 -14.40 -10.41 4.00
CA ASP A 319 -14.00 -10.62 2.60
C ASP A 319 -15.18 -10.76 1.66
N MET A 320 -16.41 -10.77 2.17
CA MET A 320 -17.60 -10.72 1.34
C MET A 320 -18.28 -9.37 1.35
N GLN A 321 -17.75 -8.41 2.13
CA GLN A 321 -18.47 -7.15 2.34
C GLN A 321 -18.57 -6.32 1.06
N ALA A 322 -17.43 -6.13 0.35
CA ALA A 322 -17.47 -5.31 -0.87
C ALA A 322 -18.44 -5.87 -1.88
N GLN A 323 -18.51 -7.20 -2.01
CA GLN A 323 -19.42 -7.79 -2.99
C GLN A 323 -20.88 -7.52 -2.64
N PHE A 324 -21.22 -7.66 -1.35
CA PHE A 324 -22.58 -7.35 -0.95
C PHE A 324 -22.87 -5.86 -1.06
N MET A 325 -21.86 -5.01 -0.91
CA MET A 325 -22.08 -3.59 -1.15
C MET A 325 -22.51 -3.35 -2.59
N ALA A 326 -21.82 -3.99 -3.54
CA ALA A 326 -22.23 -3.90 -4.94
C ALA A 326 -23.65 -4.40 -5.15
N LEU A 327 -24.00 -5.53 -4.51
CA LEU A 327 -25.38 -6.02 -4.58
C LEU A 327 -26.35 -4.96 -4.08
N ASN A 328 -26.05 -4.34 -2.93
CA ASN A 328 -26.95 -3.32 -2.39
C ASN A 328 -27.08 -2.13 -3.32
N CYS A 329 -26.02 -1.82 -4.08
CA CYS A 329 -26.08 -0.68 -5.00
C CYS A 329 -27.19 -0.84 -6.04
N VAL A 330 -27.57 -2.07 -6.38
CA VAL A 330 -28.58 -2.31 -7.40
C VAL A 330 -29.84 -2.95 -6.81
N ALA A 331 -29.93 -3.06 -5.48
CA ALA A 331 -31.03 -3.77 -4.83
C ALA A 331 -32.21 -2.84 -4.60
N ASP A 332 -33.35 -3.44 -4.26
CA ASP A 332 -34.53 -2.69 -3.87
C ASP A 332 -34.43 -2.44 -2.37
N GLY A 333 -34.20 -1.18 -1.99
CA GLY A 333 -34.25 -0.77 -0.59
C GLY A 333 -32.94 -0.16 -0.15
N VAL A 334 -32.85 0.12 1.14
CA VAL A 334 -31.66 0.68 1.76
C VAL A 334 -30.98 -0.40 2.59
N GLY A 335 -29.68 -0.53 2.45
CA GLY A 335 -28.90 -1.49 3.21
C GLY A 335 -27.82 -0.80 4.03
N VAL A 336 -27.64 -1.25 5.27
CA VAL A 336 -26.65 -0.72 6.19
C VAL A 336 -25.52 -1.74 6.30
N ILE A 337 -24.31 -1.31 5.96
CA ILE A 337 -23.13 -2.17 5.97
C ILE A 337 -22.12 -1.61 6.95
N ASN A 338 -21.74 -2.41 7.94
CA ASN A 338 -20.81 -1.95 8.96
C ASN A 338 -19.55 -2.79 8.86
N GLU A 339 -18.43 -2.14 8.59
CA GLU A 339 -17.16 -2.82 8.43
C GLU A 339 -16.28 -2.46 9.60
N THR A 340 -16.22 -3.35 10.58
CA THR A 340 -15.45 -3.12 11.79
C THR A 340 -14.11 -3.82 11.79
N ILE A 341 -13.85 -4.68 10.81
CA ILE A 341 -12.65 -5.51 10.79
C ILE A 341 -11.62 -4.89 9.86
N PHE A 342 -11.90 -4.87 8.56
CA PHE A 342 -10.95 -4.33 7.59
C PHE A 342 -10.60 -2.88 7.91
N GLU A 343 -9.33 -2.62 8.22
CA GLU A 343 -8.93 -1.29 8.69
C GLU A 343 -9.03 -0.26 7.57
N ASN A 344 -8.39 -0.52 6.44
CA ASN A 344 -8.47 0.44 5.33
C ASN A 344 -9.77 0.15 4.59
N ARG A 345 -10.84 0.76 5.07
CA ARG A 345 -12.19 0.37 4.69
C ARG A 345 -12.73 1.27 3.59
N PHE A 346 -13.58 0.66 2.77
CA PHE A 346 -14.42 1.39 1.83
C PHE A 346 -13.62 2.07 0.72
N MET A 347 -12.45 1.52 0.39
CA MET A 347 -11.68 2.06 -0.73
C MET A 347 -12.48 2.01 -2.02
N HIS A 348 -13.33 1.00 -2.16
CA HIS A 348 -14.15 0.82 -3.36
C HIS A 348 -15.32 1.79 -3.45
N VAL A 349 -15.64 2.53 -2.38
CA VAL A 349 -16.85 3.34 -2.36
C VAL A 349 -16.80 4.42 -3.45
N ASN A 350 -15.69 5.17 -3.52
CA ASN A 350 -15.64 6.27 -4.49
C ASN A 350 -15.72 5.77 -5.92
N GLU A 351 -15.23 4.55 -6.20
CA GLU A 351 -15.36 3.99 -7.55
C GLU A 351 -16.81 3.61 -7.83
N LEU A 352 -17.50 2.98 -6.85
CA LEU A 352 -18.92 2.71 -7.03
C LEU A 352 -19.71 3.98 -7.27
N LEU A 353 -19.31 5.10 -6.67
CA LEU A 353 -19.97 6.37 -6.90
C LEU A 353 -19.83 6.82 -8.35
N ARG A 354 -18.72 6.49 -9.02
CA ARG A 354 -18.57 6.85 -10.42
C ARG A 354 -19.59 6.14 -11.29
N LEU A 355 -20.12 5.01 -10.84
CA LEU A 355 -21.16 4.30 -11.55
C LEU A 355 -22.55 4.81 -11.21
N GLY A 356 -22.64 5.84 -10.39
CA GLY A 356 -23.94 6.39 -10.02
C GLY A 356 -24.52 5.82 -8.76
N ALA A 357 -23.76 5.04 -7.99
CA ALA A 357 -24.31 4.44 -6.78
C ALA A 357 -24.61 5.51 -5.73
N ASP A 358 -25.55 5.19 -4.84
CA ASP A 358 -25.98 6.07 -3.76
C ASP A 358 -25.46 5.46 -2.48
N ILE A 359 -24.32 5.95 -2.01
CA ILE A 359 -23.63 5.43 -0.85
C ILE A 359 -23.21 6.61 0.01
N GLN A 360 -23.58 6.60 1.28
CA GLN A 360 -23.10 7.57 2.24
C GLN A 360 -22.33 6.82 3.31
N VAL A 361 -21.20 7.36 3.74
CA VAL A 361 -20.36 6.72 4.73
C VAL A 361 -20.36 7.55 6.01
N GLU A 362 -20.56 6.87 7.14
CA GLU A 362 -20.53 7.48 8.47
C GLU A 362 -19.63 6.60 9.31
N GLY A 363 -18.38 7.01 9.48
CA GLY A 363 -17.44 6.18 10.23
C GLY A 363 -17.25 4.83 9.56
N HIS A 364 -17.50 3.75 10.31
CA HIS A 364 -17.34 2.38 9.82
C HIS A 364 -18.59 1.86 9.14
N THR A 365 -19.61 2.68 8.96
CA THR A 365 -20.88 2.25 8.42
C THR A 365 -21.15 2.95 7.10
N ALA A 366 -21.54 2.17 6.10
CA ALA A 366 -21.99 2.68 4.82
C ALA A 366 -23.48 2.44 4.67
N ILE A 367 -24.20 3.46 4.26
CA ILE A 367 -25.63 3.37 3.99
C ILE A 367 -25.80 3.40 2.47
N VAL A 368 -26.37 2.34 1.92
CA VAL A 368 -26.50 2.17 0.47
C VAL A 368 -27.98 2.17 0.12
N ARG A 369 -28.38 3.10 -0.73
CA ARG A 369 -29.74 3.09 -1.26
C ARG A 369 -29.66 2.52 -2.69
N GLY A 370 -30.27 1.35 -2.87
CA GLY A 370 -30.17 0.68 -4.16
C GLY A 370 -30.92 1.44 -5.23
N SER A 371 -30.48 1.24 -6.47
CA SER A 371 -31.00 2.01 -7.60
C SER A 371 -30.99 1.14 -8.84
N GLU A 372 -31.91 1.41 -9.73
CA GLU A 372 -31.93 0.80 -11.06
C GLU A 372 -31.17 1.63 -12.08
N HIS A 373 -30.46 2.67 -11.65
CA HIS A 373 -29.92 3.65 -12.59
C HIS A 373 -28.40 3.71 -12.60
N LEU A 374 -27.71 2.67 -12.15
CA LEU A 374 -26.26 2.65 -12.29
C LEU A 374 -25.93 2.70 -13.78
N SER A 375 -24.94 3.52 -14.12
CA SER A 375 -24.51 3.70 -15.49
C SER A 375 -23.02 3.40 -15.55
N GLY A 376 -22.62 2.58 -16.51
CA GLY A 376 -21.22 2.19 -16.62
C GLY A 376 -20.33 3.39 -16.89
N ALA A 377 -19.14 3.34 -16.32
CA ALA A 377 -18.18 4.44 -16.47
C ALA A 377 -16.80 3.88 -16.21
N PRO A 378 -15.75 4.62 -16.57
CA PRO A 378 -14.40 4.19 -16.21
C PRO A 378 -14.21 4.22 -14.70
N VAL A 379 -13.69 3.13 -14.16
CA VAL A 379 -13.38 2.99 -12.74
C VAL A 379 -12.05 2.28 -12.62
N MET A 380 -11.45 2.35 -11.45
CA MET A 380 -10.12 1.84 -11.22
C MET A 380 -10.13 0.88 -10.02
N ALA A 381 -9.45 -0.25 -10.16
CA ALA A 381 -9.39 -1.23 -9.08
C ALA A 381 -7.93 -1.51 -8.75
N THR A 382 -7.50 -1.09 -7.58
CA THR A 382 -6.12 -1.31 -7.16
C THR A 382 -6.03 -2.35 -6.04
N ASP A 383 -7.14 -3.00 -5.72
CA ASP A 383 -7.16 -4.01 -4.67
C ASP A 383 -8.30 -4.98 -4.95
N LEU A 384 -8.24 -6.13 -4.27
CA LEU A 384 -9.23 -7.18 -4.48
C LEU A 384 -10.67 -6.71 -4.25
N ARG A 385 -10.89 -5.88 -3.21
CA ARG A 385 -12.25 -5.43 -2.92
C ARG A 385 -12.79 -4.57 -4.04
N ALA A 386 -12.00 -3.59 -4.48
CA ALA A 386 -12.41 -2.77 -5.61
C ALA A 386 -12.69 -3.65 -6.83
N SER A 387 -11.83 -4.63 -7.12
CA SER A 387 -11.98 -5.44 -8.32
C SER A 387 -13.29 -6.23 -8.29
N ALA A 388 -13.51 -6.97 -7.20
CA ALA A 388 -14.70 -7.80 -7.10
C ALA A 388 -15.96 -6.94 -7.11
N SER A 389 -15.97 -5.84 -6.33
CA SER A 389 -17.20 -5.06 -6.24
CA SER A 389 -17.18 -5.03 -6.24
C SER A 389 -17.50 -4.33 -7.55
N LEU A 390 -16.47 -3.83 -8.23
CA LEU A 390 -16.71 -3.08 -9.47
C LEU A 390 -17.11 -4.01 -10.61
N ILE A 391 -16.51 -5.20 -10.70
CA ILE A 391 -16.95 -6.16 -11.72
C ILE A 391 -18.40 -6.54 -11.48
N LEU A 392 -18.76 -6.82 -10.21
CA LEU A 392 -20.13 -7.19 -9.91
C LEU A 392 -21.09 -6.04 -10.24
N ALA A 393 -20.78 -4.82 -9.80
CA ALA A 393 -21.62 -3.68 -10.17
C ALA A 393 -21.70 -3.54 -11.69
N GLY A 394 -20.60 -3.79 -12.39
CA GLY A 394 -20.61 -3.69 -13.85
C GLY A 394 -21.60 -4.64 -14.49
N LEU A 395 -21.90 -5.76 -13.83
CA LEU A 395 -22.86 -6.73 -14.37
C LEU A 395 -24.26 -6.14 -14.53
N MET A 396 -24.61 -5.10 -13.79
CA MET A 396 -25.95 -4.53 -13.89
C MET A 396 -26.00 -3.07 -14.29
N ALA A 397 -24.89 -2.35 -14.26
CA ALA A 397 -24.91 -0.96 -14.69
C ALA A 397 -25.18 -0.89 -16.18
N SER A 398 -25.86 0.16 -16.60
CA SER A 398 -26.20 0.29 -18.01
C SER A 398 -24.96 0.60 -18.84
N GLY A 399 -24.92 0.04 -20.05
CA GLY A 399 -23.78 0.28 -20.93
C GLY A 399 -22.56 -0.48 -20.45
N ASP A 400 -21.40 0.14 -20.64
CA ASP A 400 -20.11 -0.52 -20.43
C ASP A 400 -19.38 0.10 -19.26
N THR A 401 -18.93 -0.75 -18.35
CA THR A 401 -18.06 -0.36 -17.25
C THR A 401 -16.64 -0.78 -17.60
N THR A 402 -15.72 0.18 -17.56
CA THR A 402 -14.34 -0.05 -17.98
C THR A 402 -13.47 -0.01 -16.74
N ILE A 403 -12.99 -1.17 -16.32
CA ILE A 403 -12.26 -1.32 -15.07
C ILE A 403 -10.78 -1.43 -15.35
N ASP A 404 -10.04 -0.40 -14.93
CA ASP A 404 -8.58 -0.43 -14.93
C ASP A 404 -8.12 -1.17 -13.68
N ARG A 405 -7.44 -2.30 -13.85
CA ARG A 405 -7.05 -3.12 -12.72
C ARG A 405 -5.54 -3.31 -12.69
N ILE A 406 -4.98 -3.19 -11.49
CA ILE A 406 -3.53 -3.30 -11.33
C ILE A 406 -3.06 -4.73 -11.63
N TYR A 407 -1.83 -4.82 -12.16
CA TYR A 407 -1.37 -6.07 -12.78
C TYR A 407 -1.37 -7.24 -11.79
N HIS A 408 -0.98 -7.01 -10.53
CA HIS A 408 -0.78 -8.13 -9.61
C HIS A 408 -2.09 -8.82 -9.20
N LEU A 409 -3.25 -8.24 -9.51
CA LEU A 409 -4.50 -8.94 -9.27
C LEU A 409 -4.83 -10.01 -10.33
N ASP A 410 -4.07 -10.07 -11.41
CA ASP A 410 -4.43 -10.93 -12.53
C ASP A 410 -4.20 -12.38 -12.18
N ARG A 411 -5.28 -13.17 -12.13
CA ARG A 411 -5.17 -14.62 -11.92
C ARG A 411 -5.49 -15.43 -13.17
N GLY A 412 -5.53 -14.80 -14.34
CA GLY A 412 -5.73 -15.56 -15.57
C GLY A 412 -7.06 -16.29 -15.56
N TYR A 413 -7.00 -17.61 -15.75
CA TYR A 413 -8.24 -18.38 -15.82
C TYR A 413 -9.02 -18.38 -14.51
N GLU A 414 -8.43 -17.94 -13.40
CA GLU A 414 -9.20 -17.83 -12.16
C GLU A 414 -9.56 -16.39 -11.80
N ASN A 415 -9.38 -15.45 -12.72
CA ASN A 415 -10.10 -14.18 -12.60
C ASN A 415 -11.60 -14.44 -12.57
N ILE A 416 -12.33 -13.71 -11.72
CA ILE A 416 -13.75 -14.01 -11.61
C ILE A 416 -14.45 -13.75 -12.95
N GLU A 417 -13.98 -12.77 -13.72
CA GLU A 417 -14.67 -12.45 -14.97
C GLU A 417 -14.66 -13.62 -15.96
N GLU A 418 -13.65 -14.50 -15.89
CA GLU A 418 -13.64 -15.67 -16.80
C GLU A 418 -14.77 -16.64 -16.47
N LYS A 419 -15.01 -16.87 -15.18
CA LYS A 419 -16.14 -17.74 -14.85
C LYS A 419 -17.47 -17.02 -14.98
N LEU A 420 -17.51 -15.71 -14.69
CA LEU A 420 -18.71 -14.93 -14.95
C LEU A 420 -19.10 -14.98 -16.43
N SER A 421 -18.12 -14.87 -17.33
CA SER A 421 -18.41 -15.04 -18.75
C SER A 421 -19.09 -16.37 -19.03
N SER A 422 -18.63 -17.44 -18.40
CA SER A 422 -19.26 -18.73 -18.65
C SER A 422 -20.69 -18.79 -18.12
N LEU A 423 -21.12 -17.83 -17.30
CA LEU A 423 -22.48 -17.74 -16.80
C LEU A 423 -23.34 -16.74 -17.58
N GLY A 424 -22.86 -16.27 -18.73
CA GLY A 424 -23.66 -15.37 -19.54
C GLY A 424 -23.31 -13.90 -19.43
N ALA A 425 -22.28 -13.55 -18.65
CA ALA A 425 -21.82 -12.16 -18.62
C ALA A 425 -21.08 -11.83 -19.92
N THR A 426 -21.06 -10.54 -20.24
CA THR A 426 -20.30 -10.02 -21.37
C THR A 426 -19.14 -9.21 -20.81
N ILE A 427 -17.97 -9.84 -20.72
CA ILE A 427 -16.77 -9.24 -20.15
C ILE A 427 -15.58 -9.55 -21.05
N ARG A 428 -14.78 -8.54 -21.37
CA ARG A 428 -13.63 -8.78 -22.21
C ARG A 428 -12.41 -8.03 -21.70
N ARG A 429 -11.27 -8.68 -21.84
CA ARG A 429 -9.98 -8.12 -21.47
C ARG A 429 -9.45 -7.35 -22.67
N VAL A 430 -9.03 -6.11 -22.44
CA VAL A 430 -8.61 -5.25 -23.56
C VAL A 430 -7.20 -4.71 -23.29
N PRO A 431 -6.14 -5.49 -23.54
CA PRO A 431 -4.78 -5.02 -23.25
C PRO A 431 -4.32 -3.96 -24.23
N HIS B 8 8.04 -4.88 -10.56
CA HIS B 8 9.33 -4.88 -11.25
C HIS B 8 10.36 -4.10 -10.43
N MET B 9 11.58 -4.63 -10.30
CA MET B 9 12.52 -4.12 -9.31
C MET B 9 13.93 -4.15 -9.89
N ALA B 10 14.54 -2.97 -10.05
CA ALA B 10 15.97 -2.91 -10.37
C ALA B 10 16.78 -2.86 -9.07
N LYS B 11 18.07 -3.20 -9.19
CA LYS B 11 18.99 -3.24 -8.05
C LYS B 11 19.96 -2.09 -8.14
N ILE B 12 20.33 -1.52 -7.00
CA ILE B 12 21.56 -0.74 -6.95
C ILE B 12 22.47 -1.33 -5.87
N VAL B 13 23.76 -1.32 -6.17
CA VAL B 13 24.77 -1.96 -5.34
C VAL B 13 25.69 -0.88 -4.80
N VAL B 14 25.74 -0.76 -3.48
CA VAL B 14 26.55 0.22 -2.76
C VAL B 14 27.74 -0.49 -2.14
N THR B 15 28.93 0.04 -2.37
CA THR B 15 30.13 -0.42 -1.69
C THR B 15 30.44 0.56 -0.56
N GLY B 16 30.45 0.07 0.68
CA GLY B 16 30.58 0.97 1.81
C GLY B 16 32.02 1.28 2.18
N GLY B 17 32.18 2.37 2.93
CA GLY B 17 33.43 2.73 3.57
C GLY B 17 33.91 4.16 3.37
N ALA B 18 33.70 4.72 2.18
CA ALA B 18 34.35 5.98 1.83
C ALA B 18 33.67 7.18 2.45
N ALA B 19 34.48 8.11 2.96
CA ALA B 19 34.00 9.42 3.35
C ALA B 19 33.63 10.23 2.12
N LEU B 20 32.50 10.92 2.19
CA LEU B 20 32.01 11.72 1.08
C LEU B 20 32.65 13.11 1.10
N HIS B 21 33.04 13.59 -0.07
CA HIS B 21 33.67 14.89 -0.23
C HIS B 21 33.22 15.51 -1.53
N GLY B 22 32.89 16.79 -1.49
CA GLY B 22 32.54 17.49 -2.71
C GLY B 22 31.37 18.42 -2.50
N GLU B 23 30.74 18.80 -3.60
CA GLU B 23 29.57 19.68 -3.59
C GLU B 23 28.48 19.08 -4.46
N VAL B 24 27.22 19.36 -4.07
CA VAL B 24 26.03 18.98 -4.82
C VAL B 24 25.02 20.10 -4.72
N SER B 25 24.04 20.07 -5.62
CA SER B 25 22.90 20.97 -5.59
C SER B 25 21.63 20.12 -5.60
N ILE B 26 20.59 20.64 -4.95
CA ILE B 26 19.30 19.97 -4.93
C ILE B 26 18.31 20.83 -5.69
N SER B 27 17.21 20.21 -6.11
CA SER B 27 16.18 20.93 -6.85
C SER B 27 14.97 21.14 -5.97
N GLY B 28 13.83 21.48 -6.59
CA GLY B 28 12.70 21.99 -5.83
C GLY B 28 11.92 20.93 -5.12
N ALA B 29 11.23 21.36 -4.05
CA ALA B 29 10.39 20.47 -3.24
C ALA B 29 9.12 20.10 -4.00
N LYS B 30 8.72 18.82 -3.89
CA LYS B 30 7.53 18.35 -4.60
C LYS B 30 6.27 19.12 -4.21
N ASN B 31 6.03 19.28 -2.90
CA ASN B 31 4.81 19.93 -2.45
C ASN B 31 4.82 21.43 -2.68
N ALA B 32 5.92 21.99 -3.20
CA ALA B 32 5.89 23.35 -3.69
C ALA B 32 5.54 23.39 -5.17
N VAL B 33 6.18 22.53 -5.97
CA VAL B 33 6.10 22.68 -7.41
C VAL B 33 4.71 22.30 -7.92
N LEU B 34 4.07 21.30 -7.31
CA LEU B 34 2.77 20.86 -7.83
C LEU B 34 1.70 21.94 -7.69
N PRO B 35 1.44 22.52 -6.51
CA PRO B 35 0.47 23.62 -6.47
C PRO B 35 0.90 24.82 -7.29
N ILE B 36 2.21 25.07 -7.38
CA ILE B 36 2.68 26.22 -8.14
C ILE B 36 2.37 26.04 -9.62
N LEU B 37 2.54 24.81 -10.13
CA LEU B 37 2.16 24.55 -11.52
C LEU B 37 0.67 24.77 -11.73
N CYS B 38 -0.16 24.36 -10.75
CA CYS B 38 -1.58 24.59 -10.88
C CYS B 38 -1.91 26.06 -10.81
N ALA B 39 -1.17 26.82 -10.00
CA ALA B 39 -1.45 28.24 -9.87
C ALA B 39 -1.21 29.02 -11.15
N THR B 40 -0.39 28.49 -12.09
CA THR B 40 -0.18 29.21 -13.34
C THR B 40 -1.48 29.39 -14.10
N LEU B 41 -2.47 28.52 -13.86
CA LEU B 41 -3.79 28.70 -14.46
C LEU B 41 -4.44 30.01 -14.03
N LEU B 42 -4.01 30.61 -12.92
CA LEU B 42 -4.58 31.87 -12.49
C LEU B 42 -4.04 33.07 -13.25
N ALA B 43 -2.96 32.91 -14.01
CA ALA B 43 -2.19 34.05 -14.51
C ALA B 43 -2.67 34.50 -15.89
N ASP B 44 -2.40 35.76 -16.19
CA ASP B 44 -2.75 36.36 -17.48
C ASP B 44 -1.69 36.11 -18.54
N GLU B 45 -0.41 36.03 -18.14
CA GLU B 45 0.72 35.93 -19.04
C GLU B 45 1.54 34.68 -18.72
N PRO B 46 2.47 34.29 -19.58
CA PRO B 46 3.27 33.08 -19.30
C PRO B 46 4.04 33.18 -17.98
N VAL B 47 4.25 32.03 -17.35
CA VAL B 47 4.95 31.93 -16.08
C VAL B 47 6.08 30.92 -16.24
N GLU B 48 7.29 31.31 -15.86
CA GLU B 48 8.44 30.41 -15.90
C GLU B 48 8.70 29.90 -14.49
N ILE B 49 8.64 28.59 -14.31
CA ILE B 49 8.94 27.93 -13.04
C ILE B 49 10.28 27.24 -13.20
N THR B 50 11.26 27.64 -12.40
CA THR B 50 12.59 27.05 -12.43
C THR B 50 12.83 26.22 -11.17
N ASN B 51 13.94 25.49 -11.18
CA ASN B 51 14.32 24.58 -10.11
C ASN B 51 13.32 23.45 -9.94
N VAL B 52 12.76 22.97 -11.05
CA VAL B 52 11.70 21.97 -11.01
C VAL B 52 12.30 20.56 -10.93
N PRO B 53 11.92 19.75 -9.95
CA PRO B 53 12.46 18.39 -9.87
C PRO B 53 11.84 17.45 -10.89
N HIS B 54 12.52 16.34 -11.13
CA HIS B 54 11.93 15.29 -11.96
C HIS B 54 11.19 14.31 -11.05
N LEU B 55 9.87 14.28 -11.20
CA LEU B 55 8.97 13.45 -10.44
C LEU B 55 7.85 13.05 -11.37
N HIS B 56 7.34 11.83 -11.17
CA HIS B 56 6.19 11.37 -11.93
C HIS B 56 5.04 12.37 -11.85
N ASP B 57 4.78 12.91 -10.64
CA ASP B 57 3.70 13.86 -10.48
C ASP B 57 3.94 15.13 -11.27
N VAL B 58 5.20 15.58 -11.40
CA VAL B 58 5.47 16.74 -12.24
C VAL B 58 5.12 16.45 -13.68
N VAL B 59 5.52 15.28 -14.18
CA VAL B 59 5.21 14.91 -15.56
C VAL B 59 3.70 14.86 -15.76
N THR B 60 2.97 14.24 -14.82
CA THR B 60 1.53 14.17 -14.94
C THR B 60 0.90 15.56 -14.92
N THR B 61 1.39 16.45 -14.05
CA THR B 61 0.79 17.78 -13.97
C THR B 61 1.03 18.56 -15.26
N VAL B 62 2.23 18.44 -15.82
CA VAL B 62 2.49 19.08 -17.09
C VAL B 62 1.52 18.57 -18.15
N LYS B 63 1.31 17.26 -18.20
CA LYS B 63 0.35 16.71 -19.16
C LYS B 63 -1.05 17.23 -18.90
N LEU B 64 -1.45 17.31 -17.62
CA LEU B 64 -2.77 17.82 -17.27
C LEU B 64 -2.96 19.26 -17.73
N LEU B 65 -1.96 20.11 -17.51
CA LEU B 65 -2.09 21.50 -17.94
C LEU B 65 -2.29 21.56 -19.46
N GLY B 66 -1.56 20.73 -20.20
CA GLY B 66 -1.71 20.71 -21.65
C GLY B 66 -3.11 20.29 -22.08
N GLU B 67 -3.68 19.27 -21.43
CA GLU B 67 -5.03 18.85 -21.80
C GLU B 67 -6.07 19.90 -21.42
N LEU B 68 -5.78 20.72 -20.41
CA LEU B 68 -6.67 21.85 -20.13
C LEU B 68 -6.51 22.95 -21.15
N GLY B 69 -5.50 22.87 -22.01
CA GLY B 69 -5.31 23.82 -23.09
C GLY B 69 -4.08 24.70 -22.97
N ALA B 70 -3.32 24.60 -21.89
CA ALA B 70 -2.11 25.42 -21.76
C ALA B 70 -1.02 24.94 -22.72
N LYS B 71 -0.15 25.86 -23.09
CA LYS B 71 1.05 25.54 -23.85
C LYS B 71 2.23 25.49 -22.87
N VAL B 72 2.88 24.34 -22.78
CA VAL B 72 3.90 24.10 -21.77
C VAL B 72 5.15 23.60 -22.47
N THR B 73 6.29 24.18 -22.12
CA THR B 73 7.59 23.71 -22.59
C THR B 73 8.46 23.35 -21.40
N ILE B 74 9.32 22.35 -21.59
CA ILE B 74 10.17 21.84 -20.51
C ILE B 74 11.60 21.83 -20.98
N ASP B 75 12.44 22.54 -20.26
CA ASP B 75 13.89 22.45 -20.36
C ASP B 75 14.35 21.50 -19.27
N GLN B 76 14.76 20.28 -19.67
CA GLN B 76 15.03 19.24 -18.68
C GLN B 76 16.25 19.58 -17.81
N GLY B 77 16.10 19.36 -16.51
CA GLY B 77 17.17 19.57 -15.57
C GLY B 77 18.29 18.54 -15.69
N THR B 78 19.33 18.77 -14.89
CA THR B 78 20.53 17.93 -14.86
C THR B 78 20.90 17.63 -13.42
N LEU B 79 22.08 17.04 -13.22
CA LEU B 79 22.57 16.78 -11.87
C LEU B 79 22.73 18.08 -11.08
N SER B 80 23.00 19.20 -11.75
CA SER B 80 23.37 20.43 -11.06
C SER B 80 22.30 21.51 -11.11
N ARG B 81 21.19 21.31 -11.82
CA ARG B 81 20.14 22.32 -11.86
C ARG B 81 18.80 21.65 -12.19
N GLY B 82 17.72 22.13 -11.57
CA GLY B 82 16.40 21.60 -11.85
C GLY B 82 15.89 22.04 -13.22
N SER B 83 14.73 21.49 -13.58
CA SER B 83 14.14 21.81 -14.88
C SER B 83 13.54 23.21 -14.89
N ALA B 84 13.36 23.75 -16.10
CA ALA B 84 12.66 25.00 -16.32
C ALA B 84 11.40 24.73 -17.12
N ILE B 85 10.25 25.12 -16.56
CA ILE B 85 8.96 24.89 -17.20
C ILE B 85 8.32 26.25 -17.45
N VAL B 86 7.91 26.48 -18.68
CA VAL B 86 7.18 27.69 -19.05
C VAL B 86 5.75 27.28 -19.36
N VAL B 87 4.80 27.84 -18.63
CA VAL B 87 3.39 27.57 -18.81
C VAL B 87 2.76 28.83 -19.39
N ASP B 88 2.17 28.70 -20.59
CA ASP B 88 1.37 29.77 -21.16
C ASP B 88 -0.10 29.42 -20.91
N PRO B 89 -0.76 30.05 -19.94
CA PRO B 89 -2.15 29.69 -19.63
C PRO B 89 -3.20 30.31 -20.54
N ARG B 90 -2.82 31.25 -21.40
CA ARG B 90 -3.78 31.98 -22.21
C ARG B 90 -4.72 31.10 -23.03
N PRO B 91 -4.26 30.05 -23.74
CA PRO B 91 -5.21 29.23 -24.51
C PRO B 91 -5.95 28.17 -23.70
N VAL B 92 -5.87 28.19 -22.36
CA VAL B 92 -6.64 27.23 -21.58
C VAL B 92 -8.12 27.41 -21.89
N ASN B 93 -8.80 26.31 -22.20
CA ASN B 93 -10.18 26.38 -22.62
C ASN B 93 -11.05 25.29 -21.99
N GLN B 94 -10.57 24.63 -20.94
CA GLN B 94 -11.31 23.54 -20.31
C GLN B 94 -11.35 23.77 -18.81
N HIS B 95 -12.53 23.61 -18.22
CA HIS B 95 -12.69 23.64 -16.78
C HIS B 95 -12.94 22.25 -16.20
N VAL B 96 -13.06 21.23 -17.04
CA VAL B 96 -13.26 19.86 -16.59
C VAL B 96 -11.93 19.13 -16.68
N ALA B 97 -11.40 18.71 -15.54
CA ALA B 97 -10.15 17.94 -15.53
C ALA B 97 -10.43 16.52 -16.00
N PRO B 98 -9.67 16.01 -16.98
CA PRO B 98 -9.95 14.68 -17.51
C PRO B 98 -9.62 13.59 -16.50
N TYR B 99 -10.61 12.73 -16.23
CA TYR B 99 -10.43 11.63 -15.30
C TYR B 99 -9.24 10.75 -15.65
N GLU B 100 -9.03 10.49 -16.95
CA GLU B 100 -8.02 9.52 -17.35
C GLU B 100 -6.63 9.90 -16.86
N LEU B 101 -6.32 11.20 -16.76
CA LEU B 101 -5.09 11.70 -16.14
C LEU B 101 -5.20 11.89 -14.63
N VAL B 102 -6.30 12.47 -14.17
CA VAL B 102 -6.46 12.79 -12.75
C VAL B 102 -6.37 11.53 -11.88
N LYS B 103 -6.84 10.39 -12.38
CA LYS B 103 -7.01 9.20 -11.55
C LYS B 103 -5.69 8.68 -10.99
N THR B 104 -4.55 9.10 -11.53
CA THR B 104 -3.25 8.61 -11.11
C THR B 104 -2.52 9.57 -10.16
N MET B 105 -3.13 10.69 -9.80
CA MET B 105 -2.42 11.73 -9.07
C MET B 105 -3.40 12.41 -8.13
N ARG B 106 -3.25 12.15 -6.83
CA ARG B 106 -4.16 12.77 -5.86
C ARG B 106 -4.02 14.28 -5.84
N ALA B 107 -2.82 14.80 -6.10
CA ALA B 107 -2.60 16.24 -6.12
C ALA B 107 -3.44 16.96 -7.18
N SER B 108 -4.08 16.23 -8.09
CA SER B 108 -4.91 16.86 -9.12
CA SER B 108 -4.88 16.89 -9.12
C SER B 108 -6.01 17.73 -8.54
N ILE B 109 -6.40 17.49 -7.28
CA ILE B 109 -7.43 18.33 -6.66
C ILE B 109 -7.04 19.81 -6.65
N LEU B 110 -5.74 20.09 -6.79
CA LEU B 110 -5.21 21.44 -6.76
C LEU B 110 -5.55 22.28 -7.99
N VAL B 111 -6.15 21.69 -9.04
CA VAL B 111 -6.65 22.53 -10.13
C VAL B 111 -8.03 23.11 -9.83
N LEU B 112 -8.70 22.61 -8.79
CA LEU B 112 -10.08 23.01 -8.52
C LEU B 112 -10.18 24.50 -8.23
N GLY B 113 -9.37 24.99 -7.30
CA GLY B 113 -9.37 26.39 -6.94
C GLY B 113 -9.05 27.33 -8.10
N PRO B 114 -7.93 27.09 -8.78
CA PRO B 114 -7.60 27.94 -9.95
C PRO B 114 -8.65 27.94 -11.04
N LEU B 115 -9.13 26.77 -11.46
CA LEU B 115 -10.11 26.71 -12.54
C LEU B 115 -11.41 27.39 -12.14
N LEU B 116 -11.83 27.19 -10.89
CA LEU B 116 -13.03 27.85 -10.39
C LEU B 116 -12.89 29.37 -10.43
N ALA B 117 -11.74 29.88 -9.98
CA ALA B 117 -11.51 31.33 -9.99
C ALA B 117 -11.40 31.86 -11.41
N ARG B 118 -10.75 31.12 -12.31
CA ARG B 118 -10.57 31.59 -13.68
C ARG B 118 -11.85 31.47 -14.51
N PHE B 119 -12.56 30.35 -14.39
CA PHE B 119 -13.70 30.04 -15.26
C PHE B 119 -15.05 30.19 -14.60
N GLY B 120 -15.12 30.29 -13.28
CA GLY B 120 -16.41 30.24 -12.62
C GLY B 120 -17.00 28.84 -12.52
N ALA B 121 -16.26 27.83 -12.94
CA ALA B 121 -16.71 26.45 -12.94
C ALA B 121 -15.49 25.55 -12.97
N ALA B 122 -15.62 24.37 -12.37
CA ALA B 122 -14.52 23.41 -12.35
C ALA B 122 -15.07 22.05 -11.97
N GLU B 123 -14.52 21.01 -12.59
CA GLU B 123 -14.88 19.61 -12.29
C GLU B 123 -13.61 18.79 -12.15
N VAL B 124 -13.47 18.12 -11.02
CA VAL B 124 -12.35 17.24 -10.75
C VAL B 124 -12.91 15.96 -10.13
N SER B 125 -12.39 14.81 -10.56
CA SER B 125 -12.82 13.54 -10.00
C SER B 125 -12.49 13.45 -8.53
N LEU B 126 -13.35 12.78 -7.78
CA LEU B 126 -12.99 12.40 -6.43
C LEU B 126 -11.72 11.58 -6.46
N PRO B 127 -10.83 11.73 -5.48
CA PRO B 127 -9.63 10.89 -5.45
C PRO B 127 -9.98 9.42 -5.21
N GLY B 128 -9.00 8.57 -5.48
CA GLY B 128 -9.14 7.15 -5.19
C GLY B 128 -8.66 6.77 -3.81
N GLY B 129 -9.58 6.43 -2.90
CA GLY B 129 -9.21 6.02 -1.56
C GLY B 129 -10.01 6.67 -0.45
N PRO B 136 -9.35 14.98 4.76
CA PRO B 136 -9.38 14.51 3.38
C PRO B 136 -9.94 15.54 2.39
N VAL B 137 -11.00 15.20 1.65
CA VAL B 137 -11.50 16.11 0.61
C VAL B 137 -12.45 17.17 1.12
N ASP B 138 -12.96 17.04 2.35
CA ASP B 138 -13.99 17.96 2.83
C ASP B 138 -13.43 19.36 3.05
N GLN B 139 -12.17 19.46 3.49
CA GLN B 139 -11.57 20.76 3.73
C GLN B 139 -11.49 21.57 2.45
N HIS B 140 -11.19 20.92 1.31
CA HIS B 140 -11.18 21.64 0.04
C HIS B 140 -12.58 22.13 -0.32
N ILE B 141 -13.57 21.25 -0.23
CA ILE B 141 -14.94 21.61 -0.60
C ILE B 141 -15.49 22.66 0.36
N LYS B 142 -15.39 22.42 1.66
CA LYS B 142 -15.91 23.39 2.64
C LYS B 142 -15.20 24.73 2.51
N GLY B 143 -13.87 24.71 2.35
CA GLY B 143 -13.12 25.96 2.25
C GLY B 143 -13.50 26.80 1.04
N LEU B 144 -13.66 26.15 -0.11
CA LEU B 144 -14.07 26.90 -1.30
C LEU B 144 -15.50 27.39 -1.17
N GLN B 145 -16.36 26.63 -0.48
CA GLN B 145 -17.72 27.09 -0.25
C GLN B 145 -17.73 28.35 0.60
N ALA B 146 -16.77 28.48 1.53
CA ALA B 146 -16.66 29.70 2.33
C ALA B 146 -16.34 30.92 1.47
N LEU B 147 -15.81 30.71 0.26
CA LEU B 147 -15.58 31.80 -0.67
C LEU B 147 -16.76 32.03 -1.60
N GLY B 148 -17.86 31.30 -1.40
CA GLY B 148 -19.07 31.49 -2.18
C GLY B 148 -19.30 30.53 -3.33
N ALA B 149 -18.50 29.47 -3.43
CA ALA B 149 -18.69 28.51 -4.51
C ALA B 149 -19.82 27.54 -4.19
N GLU B 150 -20.60 27.20 -5.22
CA GLU B 150 -21.55 26.10 -5.13
C GLU B 150 -20.84 24.82 -5.54
N ILE B 151 -20.78 23.85 -4.64
CA ILE B 151 -20.05 22.61 -4.90
C ILE B 151 -20.93 21.42 -4.54
N VAL B 152 -21.06 20.48 -5.48
CA VAL B 152 -21.75 19.22 -5.24
C VAL B 152 -20.88 18.09 -5.75
N VAL B 153 -21.12 16.90 -5.21
CA VAL B 153 -20.47 15.67 -5.66
C VAL B 153 -21.54 14.82 -6.34
N GLU B 154 -21.36 14.55 -7.63
CA GLU B 154 -22.26 13.62 -8.32
C GLU B 154 -21.48 12.76 -9.31
N ASN B 155 -21.80 11.47 -9.33
CA ASN B 155 -21.14 10.48 -10.20
C ASN B 155 -19.63 10.49 -9.97
N GLY B 156 -19.22 10.72 -8.73
CA GLY B 156 -17.81 10.68 -8.39
C GLY B 156 -17.01 11.86 -8.86
N PHE B 157 -17.67 12.96 -9.22
CA PHE B 157 -17.02 14.21 -9.60
C PHE B 157 -17.37 15.30 -8.61
N ILE B 158 -16.36 16.07 -8.23
CA ILE B 158 -16.57 17.34 -7.55
C ILE B 158 -16.90 18.39 -8.60
N LYS B 159 -18.09 18.96 -8.52
CA LYS B 159 -18.57 19.95 -9.48
C LYS B 159 -18.78 21.27 -8.75
N ALA B 160 -18.02 22.28 -9.14
CA ALA B 160 -18.03 23.57 -8.47
C ALA B 160 -18.37 24.68 -9.46
N SER B 161 -19.09 25.68 -8.97
CA SER B 161 -19.39 26.86 -9.76
C SER B 161 -19.47 28.06 -8.83
N ALA B 162 -19.16 29.24 -9.38
CA ALA B 162 -19.25 30.48 -8.63
C ALA B 162 -19.21 31.62 -9.64
N LYS B 163 -20.27 32.43 -9.69
CA LYS B 163 -20.25 33.60 -10.56
C LYS B 163 -19.01 34.44 -10.31
N ARG B 164 -18.73 34.73 -9.04
CA ARG B 164 -17.60 35.56 -8.62
C ARG B 164 -17.23 35.14 -7.22
N LEU B 165 -15.98 34.75 -7.01
CA LEU B 165 -15.56 34.37 -5.67
C LEU B 165 -15.49 35.61 -4.77
N LYS B 166 -15.89 35.44 -3.52
CA LYS B 166 -16.06 36.56 -2.58
C LYS B 166 -15.31 36.26 -1.30
N GLY B 167 -14.53 37.22 -0.83
CA GLY B 167 -13.69 36.99 0.35
C GLY B 167 -14.51 36.67 1.58
N GLY B 168 -14.01 35.72 2.38
CA GLY B 168 -14.67 35.38 3.63
C GLY B 168 -13.71 34.79 4.64
N HIS B 169 -14.25 34.41 5.78
CA HIS B 169 -13.47 33.79 6.85
C HIS B 169 -13.71 32.28 6.82
N PHE B 170 -12.62 31.51 6.96
CA PHE B 170 -12.69 30.06 7.00
C PHE B 170 -11.60 29.53 7.92
N THR B 171 -11.97 28.61 8.79
CA THR B 171 -11.03 27.93 9.66
C THR B 171 -11.00 26.46 9.32
N PHE B 172 -9.81 25.94 9.05
CA PHE B 172 -9.65 24.53 8.77
C PHE B 172 -9.91 23.69 10.01
N ASP B 173 -10.74 22.64 9.85
CA ASP B 173 -10.99 21.71 10.94
C ASP B 173 -9.74 20.91 11.30
N MET B 174 -9.11 20.33 10.29
CA MET B 174 -7.82 19.65 10.45
C MET B 174 -6.79 20.33 9.57
N VAL B 175 -5.54 20.35 10.05
CA VAL B 175 -4.46 20.96 9.28
C VAL B 175 -4.31 20.21 7.97
N SER B 176 -4.31 20.94 6.86
CA SER B 176 -4.20 20.34 5.53
C SER B 176 -3.30 21.17 4.65
N VAL B 177 -2.20 20.59 4.20
CA VAL B 177 -1.30 21.30 3.29
C VAL B 177 -1.98 21.61 1.97
N THR B 178 -2.57 20.59 1.32
CA THR B 178 -3.18 20.87 0.03
C THR B 178 -4.49 21.63 0.18
N GLY B 179 -5.19 21.42 1.30
CA GLY B 179 -6.36 22.25 1.58
C GLY B 179 -6.02 23.73 1.67
N THR B 180 -5.00 24.06 2.45
CA THR B 180 -4.53 25.44 2.55
C THR B 180 -4.20 26.00 1.16
N GLU B 181 -3.47 25.22 0.36
CA GLU B 181 -3.04 25.70 -0.95
C GLU B 181 -4.23 25.92 -1.87
N ASN B 182 -5.19 25.01 -1.88
CA ASN B 182 -6.31 25.11 -2.81
C ASN B 182 -7.19 26.31 -2.47
N VAL B 183 -7.47 26.53 -1.18
CA VAL B 183 -8.30 27.65 -0.77
C VAL B 183 -7.55 28.96 -0.99
N LEU B 184 -6.24 28.96 -0.73
CA LEU B 184 -5.43 30.15 -1.00
C LEU B 184 -5.53 30.56 -2.46
N MET B 185 -5.39 29.60 -3.37
CA MET B 185 -5.46 29.93 -4.78
C MET B 185 -6.84 30.46 -5.17
N GLY B 186 -7.89 29.99 -4.49
CA GLY B 186 -9.20 30.55 -4.74
C GLY B 186 -9.35 31.98 -4.22
N ALA B 187 -8.60 32.34 -3.18
CA ALA B 187 -8.80 33.63 -2.54
C ALA B 187 -8.10 34.77 -3.25
N VAL B 188 -7.00 34.50 -3.98
CA VAL B 188 -6.16 35.60 -4.45
C VAL B 188 -6.89 36.47 -5.47
N LEU B 189 -7.84 35.90 -6.20
CA LEU B 189 -8.62 36.66 -7.18
C LEU B 189 -10.03 36.93 -6.73
N ALA B 190 -10.38 36.56 -5.50
CA ALA B 190 -11.73 36.81 -5.00
C ALA B 190 -11.94 38.30 -4.73
N GLU B 191 -13.20 38.68 -4.64
CA GLU B 191 -13.57 40.07 -4.36
C GLU B 191 -13.56 40.28 -2.85
N GLY B 192 -12.68 41.15 -2.38
CA GLY B 192 -12.60 41.45 -0.97
C GLY B 192 -11.48 40.71 -0.28
N THR B 193 -11.58 40.67 1.05
CA THR B 193 -10.50 40.17 1.90
C THR B 193 -10.89 38.83 2.52
N THR B 194 -9.96 37.88 2.51
CA THR B 194 -10.16 36.54 3.04
C THR B 194 -9.22 36.34 4.22
N VAL B 195 -9.72 35.69 5.27
CA VAL B 195 -8.91 35.28 6.43
C VAL B 195 -9.05 33.77 6.58
N LEU B 196 -7.93 33.06 6.53
CA LEU B 196 -7.87 31.62 6.75
C LEU B 196 -7.12 31.33 8.05
N ASP B 197 -7.73 30.55 8.92
CA ASP B 197 -7.13 30.15 10.18
C ASP B 197 -6.83 28.66 10.18
N ASN B 198 -5.89 28.26 11.03
CA ASN B 198 -5.43 26.88 11.13
C ASN B 198 -4.86 26.40 9.79
N CYS B 199 -4.10 27.27 9.14
CA CYS B 199 -3.44 26.93 7.88
C CYS B 199 -2.20 26.09 8.14
N ALA B 200 -1.81 25.32 7.13
CA ALA B 200 -0.54 24.60 7.21
C ALA B 200 0.62 25.59 7.15
N MET B 201 1.67 25.32 7.92
CA MET B 201 2.78 26.23 8.04
C MET B 201 4.06 25.75 7.34
N GLU B 202 3.99 24.64 6.60
CA GLU B 202 5.18 24.13 5.91
C GLU B 202 5.73 25.16 4.93
N PRO B 203 7.06 25.20 4.75
CA PRO B 203 7.64 26.17 3.80
C PRO B 203 7.12 25.99 2.38
N GLU B 204 6.65 24.79 2.01
CA GLU B 204 6.11 24.59 0.68
C GLU B 204 4.84 25.40 0.48
N VAL B 205 4.01 25.50 1.52
CA VAL B 205 2.87 26.41 1.49
C VAL B 205 3.34 27.85 1.31
N THR B 206 4.29 28.27 2.14
CA THR B 206 4.82 29.62 2.04
C THR B 206 5.43 29.89 0.68
N ASP B 207 6.05 28.89 0.04
CA ASP B 207 6.62 29.12 -1.28
C ASP B 207 5.53 29.35 -2.32
N LEU B 208 4.41 28.62 -2.21
CA LEU B 208 3.28 28.91 -3.09
C LEU B 208 2.81 30.34 -2.91
N ALA B 209 2.69 30.78 -1.65
CA ALA B 209 2.25 32.15 -1.41
C ALA B 209 3.24 33.15 -2.00
N HIS B 210 4.54 32.88 -1.88
CA HIS B 210 5.54 33.75 -2.49
C HIS B 210 5.38 33.81 -3.99
N CYS B 211 5.07 32.68 -4.62
CA CYS B 211 4.84 32.67 -6.06
C CYS B 211 3.66 33.55 -6.42
N LEU B 212 2.54 33.39 -5.71
CA LEU B 212 1.35 34.19 -5.98
C LEU B 212 1.63 35.68 -5.83
N ILE B 213 2.40 36.06 -4.81
CA ILE B 213 2.74 37.48 -4.63
C ILE B 213 3.57 37.98 -5.80
N ALA B 214 4.52 37.16 -6.27
CA ALA B 214 5.32 37.56 -7.42
C ALA B 214 4.45 37.84 -8.65
N LEU B 215 3.31 37.17 -8.75
CA LEU B 215 2.39 37.38 -9.86
C LEU B 215 1.35 38.46 -9.58
N GLY B 216 1.40 39.09 -8.42
CA GLY B 216 0.52 40.20 -8.11
C GLY B 216 -0.40 39.97 -6.93
N ALA B 217 -0.35 38.83 -6.25
CA ALA B 217 -1.23 38.60 -5.12
C ALA B 217 -0.78 39.44 -3.91
N LYS B 218 -1.73 39.67 -3.02
CA LYS B 218 -1.49 40.40 -1.77
C LYS B 218 -1.82 39.44 -0.63
N ILE B 219 -0.77 38.90 0.01
CA ILE B 219 -0.91 37.93 1.08
C ILE B 219 -0.05 38.38 2.26
N GLU B 220 -0.63 38.38 3.46
CA GLU B 220 0.08 38.69 4.68
C GLU B 220 -0.06 37.53 5.65
N GLY B 221 0.86 37.44 6.61
CA GLY B 221 0.85 36.35 7.55
C GLY B 221 1.64 35.12 7.13
N LEU B 222 2.55 35.26 6.17
CA LEU B 222 3.32 34.13 5.68
C LEU B 222 4.07 33.42 6.81
N GLY B 223 4.13 32.10 6.72
CA GLY B 223 4.78 31.30 7.72
C GLY B 223 3.97 31.04 8.96
N THR B 224 2.77 31.59 9.07
CA THR B 224 1.93 31.41 10.25
C THR B 224 0.65 30.68 9.87
N ALA B 225 -0.09 30.28 10.90
CA ALA B 225 -1.35 29.58 10.72
C ALA B 225 -2.51 30.48 10.32
N ARG B 226 -2.34 31.81 10.33
CA ARG B 226 -3.39 32.73 9.92
C ARG B 226 -2.90 33.54 8.72
N LEU B 227 -3.55 33.32 7.57
CA LEU B 227 -3.23 34.01 6.32
C LEU B 227 -4.33 35.01 5.99
N VAL B 228 -3.93 36.22 5.62
CA VAL B 228 -4.85 37.30 5.25
C VAL B 228 -4.59 37.65 3.79
N ILE B 229 -5.63 37.55 2.97
CA ILE B 229 -5.51 37.70 1.52
C ILE B 229 -6.39 38.86 1.08
N GLU B 230 -5.80 39.83 0.39
CA GLU B 230 -6.53 40.92 -0.25
C GLU B 230 -6.68 40.58 -1.73
N GLY B 231 -7.90 40.25 -2.14
CA GLY B 231 -8.11 39.81 -3.51
C GLY B 231 -7.77 40.90 -4.51
N VAL B 232 -7.15 40.49 -5.61
CA VAL B 232 -6.87 41.38 -6.72
C VAL B 232 -7.62 40.85 -7.95
N GLU B 233 -7.73 41.69 -8.97
CA GLU B 233 -8.57 41.30 -10.09
C GLU B 233 -7.87 40.30 -11.00
N ARG B 234 -6.56 40.47 -11.20
CA ARG B 234 -5.79 39.65 -12.12
CA ARG B 234 -5.83 39.57 -12.07
C ARG B 234 -4.42 39.36 -11.54
N LEU B 235 -3.85 38.22 -11.93
CA LEU B 235 -2.45 37.91 -11.71
C LEU B 235 -1.72 37.98 -13.04
N SER B 236 -0.51 38.53 -13.04
CA SER B 236 0.27 38.64 -14.25
C SER B 236 1.07 37.36 -14.48
N GLY B 237 1.87 37.35 -15.53
CA GLY B 237 2.90 36.34 -15.68
C GLY B 237 4.14 36.74 -14.89
N GLY B 238 5.16 35.88 -14.97
CA GLY B 238 6.38 36.16 -14.23
C GLY B 238 7.25 34.92 -14.14
N ARG B 239 8.09 34.92 -13.11
CA ARG B 239 9.09 33.87 -12.92
C ARG B 239 9.10 33.47 -11.45
N HIS B 240 9.35 32.18 -11.19
CA HIS B 240 9.50 31.72 -9.82
C HIS B 240 10.45 30.53 -9.77
N GLU B 241 11.41 30.62 -8.86
CA GLU B 241 12.31 29.53 -8.54
C GLU B 241 11.73 28.73 -7.38
N VAL B 242 11.44 27.45 -7.61
CA VAL B 242 10.81 26.62 -6.58
C VAL B 242 11.73 26.48 -5.38
N LEU B 243 11.14 26.57 -4.19
CA LEU B 243 11.84 26.35 -2.94
C LEU B 243 12.68 25.07 -2.99
N PRO B 244 13.97 25.14 -2.63
CA PRO B 244 14.78 23.92 -2.56
C PRO B 244 14.17 22.87 -1.64
N ASP B 245 14.28 21.60 -2.06
CA ASP B 245 13.75 20.47 -1.30
C ASP B 245 14.56 20.30 -0.02
N ARG B 246 13.95 20.60 1.13
CA ARG B 246 14.66 20.51 2.39
C ARG B 246 14.94 19.05 2.78
N ILE B 247 14.10 18.11 2.34
CA ILE B 247 14.32 16.71 2.70
C ILE B 247 15.53 16.16 1.96
N GLU B 248 15.60 16.41 0.64
CA GLU B 248 16.79 16.06 -0.13
C GLU B 248 18.03 16.71 0.46
N THR B 249 17.95 18.01 0.78
CA THR B 249 19.10 18.68 1.37
C THR B 249 19.55 17.95 2.64
N GLY B 250 18.59 17.61 3.50
CA GLY B 250 18.94 16.91 4.73
C GLY B 250 19.58 15.56 4.46
N THR B 251 19.06 14.83 3.46
CA THR B 251 19.59 13.51 3.17
C THR B 251 21.07 13.57 2.80
N PHE B 252 21.47 14.55 1.98
CA PHE B 252 22.88 14.67 1.63
C PHE B 252 23.72 15.08 2.83
N LEU B 253 23.20 15.99 3.66
CA LEU B 253 23.93 16.37 4.87
C LEU B 253 24.12 15.19 5.80
N VAL B 254 23.08 14.35 5.97
CA VAL B 254 23.20 13.17 6.81
C VAL B 254 24.21 12.19 6.23
N ALA B 255 24.18 11.99 4.90
CA ALA B 255 25.13 11.08 4.27
C ALA B 255 26.56 11.54 4.49
N ALA B 256 26.81 12.85 4.39
CA ALA B 256 28.12 13.39 4.73
C ALA B 256 28.46 13.12 6.18
N ALA B 257 27.52 13.37 7.09
CA ALA B 257 27.79 13.22 8.52
C ALA B 257 28.14 11.77 8.85
N MET B 258 27.37 10.82 8.33
CA MET B 258 27.55 9.45 8.79
C MET B 258 28.75 8.76 8.16
N THR B 259 29.27 9.28 7.05
CA THR B 259 30.51 8.76 6.46
C THR B 259 31.75 9.49 6.94
N GLY B 260 31.61 10.43 7.89
CA GLY B 260 32.73 11.18 8.39
C GLY B 260 33.34 12.12 7.38
N GLY B 261 32.55 12.58 6.41
CA GLY B 261 33.03 13.37 5.31
C GLY B 261 32.79 14.86 5.46
N LYS B 262 32.84 15.55 4.33
CA LYS B 262 32.68 17.00 4.27
C LYS B 262 31.99 17.33 2.96
N VAL B 263 30.77 17.88 3.02
CA VAL B 263 30.03 18.18 1.82
C VAL B 263 29.46 19.59 1.91
N THR B 264 29.34 20.23 0.76
CA THR B 264 28.68 21.52 0.61
C THR B 264 27.47 21.34 -0.29
N VAL B 265 26.30 21.76 0.18
CA VAL B 265 25.07 21.70 -0.60
C VAL B 265 24.78 23.08 -1.16
N ASN B 266 24.66 23.18 -2.49
CA ASN B 266 24.43 24.44 -3.18
C ASN B 266 22.95 24.64 -3.53
N ARG B 267 22.60 25.91 -3.72
CA ARG B 267 21.22 26.38 -3.89
C ARG B 267 20.31 25.78 -2.83
N ALA B 268 20.74 25.89 -1.58
CA ALA B 268 19.95 25.46 -0.44
C ALA B 268 19.16 26.64 0.11
N ARG B 269 18.27 26.35 1.05
CA ARG B 269 17.49 27.36 1.76
C ARG B 269 17.65 27.06 3.25
N PRO B 270 18.75 27.49 3.85
CA PRO B 270 19.07 27.07 5.23
C PRO B 270 18.00 27.39 6.27
N ASN B 271 17.24 28.48 6.11
CA ASN B 271 16.25 28.82 7.13
C ASN B 271 15.00 27.94 7.08
N THR B 272 14.99 26.90 6.25
CA THR B 272 13.96 25.87 6.31
C THR B 272 14.48 24.59 6.95
N MET B 273 15.70 24.63 7.50
CA MET B 273 16.39 23.43 7.95
C MET B 273 16.93 23.52 9.37
N ASP B 274 16.46 24.49 10.15
CA ASP B 274 17.07 24.77 11.45
C ASP B 274 17.10 23.53 12.33
N ALA B 275 15.97 22.83 12.45
CA ALA B 275 15.90 21.68 13.35
C ALA B 275 16.83 20.57 12.91
N VAL B 276 16.96 20.36 11.60
CA VAL B 276 17.83 19.31 11.08
C VAL B 276 19.30 19.67 11.32
N LEU B 277 19.68 20.90 10.99
CA LEU B 277 21.07 21.31 11.19
C LEU B 277 21.45 21.24 12.66
N SER B 278 20.54 21.65 13.54
CA SER B 278 20.81 21.58 14.97
C SER B 278 21.03 20.13 15.42
N LYS B 279 20.26 19.20 14.86
CA LYS B 279 20.44 17.79 15.19
C LYS B 279 21.77 17.27 14.66
N LEU B 280 22.19 17.72 13.47
CA LEU B 280 23.49 17.30 12.95
C LEU B 280 24.64 17.84 13.81
N VAL B 281 24.52 19.06 14.31
CA VAL B 281 25.52 19.58 15.23
C VAL B 281 25.65 18.67 16.45
N GLU B 282 24.51 18.20 17.00
CA GLU B 282 24.54 17.28 18.12
C GLU B 282 25.25 15.98 17.78
N ALA B 283 25.24 15.58 16.50
CA ALA B 283 25.92 14.37 16.05
C ALA B 283 27.42 14.56 15.88
N GLY B 284 27.93 15.76 16.14
CA GLY B 284 29.34 16.06 16.00
C GLY B 284 29.73 16.85 14.77
N ALA B 285 28.78 17.28 13.96
CA ALA B 285 29.10 17.99 12.73
C ALA B 285 29.39 19.45 12.98
N LYS B 286 30.37 19.99 12.25
CA LYS B 286 30.61 21.42 12.18
C LYS B 286 29.92 21.95 10.94
N ILE B 287 29.04 22.92 11.12
CA ILE B 287 28.16 23.37 10.04
C ILE B 287 28.28 24.88 9.88
N GLU B 288 28.50 25.33 8.64
CA GLU B 288 28.39 26.72 8.26
C GLU B 288 27.30 26.87 7.22
N THR B 289 26.60 28.00 7.25
CA THR B 289 25.52 28.28 6.30
C THR B 289 25.64 29.71 5.78
N THR B 290 25.40 29.87 4.49
CA THR B 290 25.27 31.18 3.85
C THR B 290 23.78 31.45 3.60
N ASP B 291 23.48 32.33 2.64
CA ASP B 291 22.10 32.53 2.23
C ASP B 291 21.62 31.45 1.27
N ASP B 292 22.54 30.68 0.66
CA ASP B 292 22.13 29.65 -0.29
C ASP B 292 23.04 28.42 -0.27
N SER B 293 23.81 28.18 0.80
CA SER B 293 24.65 27.00 0.84
C SER B 293 24.77 26.53 2.28
N ILE B 294 25.08 25.25 2.43
CA ILE B 294 25.34 24.62 3.72
C ILE B 294 26.60 23.77 3.57
N THR B 295 27.55 23.93 4.48
CA THR B 295 28.74 23.09 4.50
C THR B 295 28.79 22.31 5.80
N LEU B 296 28.91 20.99 5.69
CA LEU B 296 29.02 20.12 6.85
C LEU B 296 30.39 19.47 6.81
N ASP B 297 31.09 19.50 7.94
CA ASP B 297 32.42 18.95 8.07
C ASP B 297 32.47 18.10 9.34
N MET B 298 32.74 16.81 9.18
CA MET B 298 32.91 15.93 10.33
C MET B 298 34.34 15.93 10.85
N GLN B 299 35.28 16.50 10.09
CA GLN B 299 36.68 16.58 10.51
C GLN B 299 37.22 15.21 10.86
N GLY B 300 36.85 14.21 10.07
CA GLY B 300 37.37 12.87 10.26
C GLY B 300 36.81 12.10 11.43
N ARG B 301 35.76 12.59 12.07
CA ARG B 301 35.16 11.91 13.21
C ARG B 301 33.97 11.07 12.77
N ARG B 302 33.76 9.96 13.47
CA ARG B 302 32.49 9.25 13.38
C ARG B 302 31.39 10.08 14.01
N PRO B 303 30.16 9.95 13.53
CA PRO B 303 29.06 10.69 14.17
C PRO B 303 28.76 10.15 15.55
N LYS B 304 28.32 11.05 16.42
CA LYS B 304 27.74 10.64 17.70
C LYS B 304 26.25 10.36 17.50
N ALA B 305 25.76 9.32 18.15
CA ALA B 305 24.33 9.02 18.11
C ALA B 305 23.52 10.20 18.64
N VAL B 306 22.33 10.38 18.09
CA VAL B 306 21.49 11.50 18.51
C VAL B 306 20.11 10.98 18.90
N ASN B 307 19.44 11.74 19.75
CA ASN B 307 18.05 11.51 20.12
C ASN B 307 17.18 12.53 19.39
N LEU B 308 15.98 12.10 18.99
CA LEU B 308 15.08 13.01 18.30
C LEU B 308 13.64 12.57 18.49
N THR B 309 12.74 13.54 18.34
CA THR B 309 11.29 13.33 18.34
C THR B 309 10.70 14.10 17.17
N THR B 310 9.97 13.41 16.30
CA THR B 310 9.37 14.09 15.15
C THR B 310 8.19 14.94 15.61
N ALA B 311 8.01 16.10 14.99
CA ALA B 311 7.00 17.05 15.42
C ALA B 311 6.68 17.98 14.24
N PRO B 312 5.57 18.71 14.30
CA PRO B 312 5.22 19.60 13.18
C PRO B 312 6.27 20.67 12.95
N TYR B 313 6.41 21.06 11.69
CA TYR B 313 7.29 22.17 11.32
C TYR B 313 6.99 23.38 12.19
N PRO B 314 8.02 24.09 12.70
CA PRO B 314 9.42 23.99 12.33
C PRO B 314 10.27 23.05 13.19
N ALA B 315 9.65 22.09 13.88
CA ALA B 315 10.42 21.14 14.68
C ALA B 315 11.01 20.05 13.79
N PHE B 316 11.47 18.96 14.39
CA PHE B 316 12.17 17.95 13.60
C PHE B 316 11.22 17.21 12.67
N PRO B 317 11.50 17.18 11.36
CA PRO B 317 10.54 16.61 10.39
C PRO B 317 10.57 15.10 10.32
N THR B 318 9.38 14.49 10.33
CA THR B 318 9.30 13.03 10.23
C THR B 318 9.98 12.52 8.96
N ASP B 319 9.99 13.34 7.91
CA ASP B 319 10.58 12.94 6.63
C ASP B 319 12.10 12.82 6.66
N MET B 320 12.74 13.20 7.77
CA MET B 320 14.17 12.97 7.97
C MET B 320 14.45 11.85 8.97
N GLN B 321 13.41 11.22 9.51
CA GLN B 321 13.61 10.27 10.60
C GLN B 321 14.36 9.02 10.12
N ALA B 322 13.93 8.41 9.02
CA ALA B 322 14.60 7.22 8.53
C ALA B 322 16.09 7.48 8.26
N GLN B 323 16.43 8.64 7.73
CA GLN B 323 17.83 8.96 7.44
C GLN B 323 18.66 9.06 8.72
N PHE B 324 18.14 9.75 9.73
CA PHE B 324 18.87 9.82 11.00
C PHE B 324 18.93 8.47 11.69
N MET B 325 17.94 7.61 11.47
CA MET B 325 18.02 6.25 12.00
C MET B 325 19.22 5.52 11.43
N ALA B 326 19.41 5.61 10.09
CA ALA B 326 20.60 5.05 9.45
C ALA B 326 21.87 5.66 10.04
N LEU B 327 21.89 6.99 10.23
CA LEU B 327 23.04 7.61 10.88
C LEU B 327 23.30 6.99 12.25
N ASN B 328 22.25 6.83 13.06
CA ASN B 328 22.45 6.26 14.41
C ASN B 328 22.97 4.83 14.32
N CYS B 329 22.60 4.09 13.28
CA CYS B 329 23.02 2.69 13.14
C CYS B 329 24.53 2.57 13.07
N VAL B 330 25.24 3.59 12.58
CA VAL B 330 26.70 3.56 12.45
C VAL B 330 27.37 4.57 13.37
N ALA B 331 26.63 5.24 14.25
CA ALA B 331 27.20 6.27 15.08
C ALA B 331 27.74 5.68 16.38
N ASP B 332 28.54 6.48 17.07
CA ASP B 332 29.05 6.11 18.38
C ASP B 332 28.00 6.49 19.41
N GLY B 333 27.37 5.49 20.03
CA GLY B 333 26.48 5.69 21.15
C GLY B 333 25.09 5.16 20.86
N VAL B 334 24.17 5.46 21.78
CA VAL B 334 22.78 5.03 21.70
C VAL B 334 21.92 6.24 21.35
N GLY B 335 21.03 6.07 20.38
CA GLY B 335 20.09 7.12 20.00
C GLY B 335 18.65 6.63 20.06
N VAL B 336 17.78 7.46 20.64
CA VAL B 336 16.37 7.16 20.83
C VAL B 336 15.56 8.02 19.88
N ILE B 337 14.73 7.38 19.05
CA ILE B 337 13.94 8.06 18.03
C ILE B 337 12.46 7.89 18.36
N ASN B 338 11.75 9.01 18.50
CA ASN B 338 10.33 9.04 18.87
C ASN B 338 9.50 9.53 17.69
N GLU B 339 8.57 8.70 17.22
CA GLU B 339 7.72 8.98 16.05
C GLU B 339 6.27 9.21 16.48
N THR B 340 5.82 10.45 16.39
CA THR B 340 4.47 10.79 16.85
C THR B 340 3.43 10.76 15.73
N GLU B 343 0.33 6.51 12.64
CA GLU B 343 0.96 6.01 11.42
C GLU B 343 2.20 5.17 11.76
N ASN B 344 2.30 4.00 11.13
CA ASN B 344 3.40 3.05 11.32
C ASN B 344 4.58 3.43 10.43
N ARG B 345 5.54 4.20 10.98
CA ARG B 345 6.62 4.81 10.22
C ARG B 345 7.96 4.09 10.36
N PHE B 346 7.96 2.83 10.80
CA PHE B 346 9.18 2.04 10.93
C PHE B 346 9.27 0.85 9.97
N MET B 347 8.66 0.94 8.79
CA MET B 347 8.72 -0.18 7.84
C MET B 347 10.15 -0.56 7.46
N HIS B 348 11.07 0.41 7.44
CA HIS B 348 12.46 0.19 7.06
C HIS B 348 13.29 -0.54 8.14
N VAL B 349 12.77 -0.72 9.35
CA VAL B 349 13.61 -1.25 10.43
C VAL B 349 14.14 -2.64 10.08
N ASN B 350 13.25 -3.55 9.68
CA ASN B 350 13.68 -4.92 9.40
C ASN B 350 14.72 -4.96 8.28
N GLU B 351 14.69 -3.98 7.38
CA GLU B 351 15.71 -3.93 6.34
C GLU B 351 17.06 -3.52 6.92
N LEU B 352 17.08 -2.52 7.80
CA LEU B 352 18.34 -2.18 8.47
C LEU B 352 18.86 -3.34 9.30
N LEU B 353 17.96 -4.16 9.87
CA LEU B 353 18.43 -5.31 10.65
C LEU B 353 19.18 -6.32 9.78
N ARG B 354 18.80 -6.44 8.50
CA ARG B 354 19.52 -7.33 7.61
C ARG B 354 20.96 -6.90 7.41
N LEU B 355 21.25 -5.62 7.64
CA LEU B 355 22.62 -5.10 7.56
C LEU B 355 23.37 -5.25 8.88
N GLY B 356 22.76 -5.84 9.90
CA GLY B 356 23.42 -5.98 11.18
C GLY B 356 23.14 -4.87 12.17
N ALA B 357 22.20 -3.98 11.90
CA ALA B 357 21.93 -2.88 12.82
C ALA B 357 21.32 -3.39 14.13
N ASP B 358 21.50 -2.61 15.19
CA ASP B 358 20.94 -2.91 16.50
C ASP B 358 19.80 -1.93 16.76
N ILE B 359 18.57 -2.38 16.49
CA ILE B 359 17.38 -1.55 16.61
C ILE B 359 16.33 -2.37 17.34
N GLN B 360 15.77 -1.80 18.42
CA GLN B 360 14.61 -2.39 19.06
C GLN B 360 13.49 -1.36 18.98
N VAL B 361 12.29 -1.83 18.66
CA VAL B 361 11.12 -0.97 18.50
C VAL B 361 10.16 -1.26 19.63
N GLU B 362 9.71 -0.22 20.31
CA GLU B 362 8.73 -0.31 21.39
C GLU B 362 7.68 0.76 21.13
N GLY B 363 6.55 0.36 20.57
CA GLY B 363 5.51 1.30 20.22
C GLY B 363 6.01 2.27 19.17
N HIS B 364 5.92 3.57 19.47
CA HIS B 364 6.36 4.62 18.55
C HIS B 364 7.81 5.01 18.74
N THR B 365 8.57 4.27 19.55
CA THR B 365 9.95 4.61 19.88
C THR B 365 10.87 3.53 19.33
N ALA B 366 11.92 3.95 18.64
CA ALA B 366 13.00 3.07 18.20
C ALA B 366 14.26 3.42 18.97
N ILE B 367 14.90 2.41 19.55
CA ILE B 367 16.17 2.57 20.25
C ILE B 367 17.27 1.99 19.37
N VAL B 368 18.24 2.82 19.01
CA VAL B 368 19.31 2.42 18.09
C VAL B 368 20.63 2.48 18.85
N ARG B 369 21.34 1.35 18.90
CA ARG B 369 22.70 1.32 19.40
C ARG B 369 23.65 1.26 18.21
N GLY B 370 24.46 2.31 18.04
CA GLY B 370 25.34 2.38 16.89
C GLY B 370 26.45 1.36 16.92
N SER B 371 26.93 1.00 15.73
CA SER B 371 27.90 -0.08 15.58
C SER B 371 28.84 0.22 14.43
N GLU B 372 30.06 -0.27 14.54
CA GLU B 372 31.02 -0.22 13.44
C GLU B 372 30.99 -1.46 12.57
N HIS B 373 30.05 -2.38 12.79
CA HIS B 373 30.12 -3.70 12.18
C HIS B 373 28.93 -4.00 11.27
N LEU B 374 28.21 -2.99 10.76
CA LEU B 374 27.18 -3.27 9.77
C LEU B 374 27.84 -3.95 8.57
N SER B 375 27.16 -4.95 8.00
CA SER B 375 27.68 -5.72 6.88
CA SER B 375 27.68 -5.72 6.88
C SER B 375 26.70 -5.67 5.72
N GLY B 376 27.20 -5.40 4.53
CA GLY B 376 26.34 -5.29 3.36
C GLY B 376 25.57 -6.58 3.10
N ALA B 377 24.33 -6.45 2.69
CA ALA B 377 23.48 -7.60 2.42
C ALA B 377 22.37 -7.16 1.49
N PRO B 378 21.66 -8.10 0.86
CA PRO B 378 20.49 -7.73 0.07
C PRO B 378 19.38 -7.16 0.94
N VAL B 379 18.82 -6.03 0.52
CA VAL B 379 17.70 -5.40 1.21
C VAL B 379 16.72 -4.90 0.19
N MET B 380 15.50 -4.62 0.65
CA MET B 380 14.40 -4.24 -0.21
C MET B 380 13.80 -2.91 0.22
N ALA B 381 13.56 -2.03 -0.76
CA ALA B 381 13.00 -0.71 -0.51
C ALA B 381 11.73 -0.54 -1.34
N THR B 382 10.60 -0.47 -0.66
CA THR B 382 9.31 -0.26 -1.31
C THR B 382 8.73 1.11 -1.01
N ASP B 383 9.47 1.98 -0.33
CA ASP B 383 9.00 3.33 -0.11
C ASP B 383 10.20 4.23 0.09
N LEU B 384 9.96 5.54 0.08
CA LEU B 384 11.04 6.51 0.18
C LEU B 384 11.88 6.31 1.44
N ARG B 385 11.25 6.01 2.58
CA ARG B 385 12.00 5.89 3.82
C ARG B 385 12.99 4.74 3.74
N ALA B 386 12.52 3.56 3.36
CA ALA B 386 13.43 2.43 3.17
C ALA B 386 14.52 2.79 2.18
N SER B 387 14.17 3.49 1.10
CA SER B 387 15.16 3.79 0.07
C SER B 387 16.27 4.67 0.62
N ALA B 388 15.92 5.84 1.17
CA ALA B 388 16.94 6.75 1.65
C ALA B 388 17.74 6.13 2.80
N SER B 389 17.07 5.47 3.72
CA SER B 389 17.78 4.94 4.88
CA SER B 389 17.77 4.93 4.88
C SER B 389 18.73 3.82 4.47
N LEU B 390 18.29 2.95 3.56
CA LEU B 390 19.12 1.80 3.19
C LEU B 390 20.31 2.22 2.34
N ILE B 391 20.12 3.17 1.43
CA ILE B 391 21.25 3.68 0.67
C ILE B 391 22.27 4.33 1.61
N LEU B 392 21.79 5.13 2.57
CA LEU B 392 22.72 5.76 3.51
C LEU B 392 23.46 4.73 4.34
N ALA B 393 22.74 3.75 4.89
CA ALA B 393 23.42 2.71 5.65
C ALA B 393 24.44 1.99 4.78
N GLY B 394 24.09 1.77 3.52
CA GLY B 394 25.01 1.10 2.61
C GLY B 394 26.32 1.84 2.44
N LEU B 395 26.30 3.16 2.61
CA LEU B 395 27.53 3.95 2.47
C LEU B 395 28.60 3.55 3.49
N MET B 396 28.21 2.94 4.60
CA MET B 396 29.18 2.59 5.62
C MET B 396 29.22 1.11 5.97
N ALA B 397 28.27 0.32 5.49
CA ALA B 397 28.31 -1.11 5.75
C ALA B 397 29.49 -1.73 5.01
N SER B 398 30.10 -2.74 5.62
CA SER B 398 31.24 -3.36 4.98
C SER B 398 30.80 -4.14 3.75
N GLY B 399 31.64 -4.12 2.72
CA GLY B 399 31.27 -4.84 1.52
C GLY B 399 30.17 -4.14 0.75
N ASP B 400 29.30 -4.93 0.13
CA ASP B 400 28.31 -4.42 -0.81
C ASP B 400 26.90 -4.60 -0.27
N THR B 401 26.11 -3.52 -0.30
CA THR B 401 24.69 -3.58 0.01
C THR B 401 23.91 -3.52 -1.29
N THR B 402 23.01 -4.49 -1.51
CA THR B 402 22.26 -4.60 -2.75
C THR B 402 20.81 -4.24 -2.49
N ILE B 403 20.39 -3.08 -2.98
CA ILE B 403 19.07 -2.55 -2.67
C ILE B 403 18.15 -2.78 -3.87
N ASP B 404 17.15 -3.64 -3.65
CA ASP B 404 16.03 -3.81 -4.58
C ASP B 404 15.01 -2.71 -4.30
N ARG B 405 14.72 -1.90 -5.30
CA ARG B 405 13.84 -0.76 -5.12
C ARG B 405 12.67 -0.82 -6.11
N ILE B 406 11.49 -0.50 -5.60
CA ILE B 406 10.28 -0.56 -6.43
C ILE B 406 10.36 0.48 -7.53
N TYR B 407 9.75 0.16 -8.68
CA TYR B 407 9.98 0.92 -9.92
C TYR B 407 9.57 2.39 -9.79
N HIS B 408 8.45 2.68 -9.13
CA HIS B 408 7.96 4.05 -9.13
C HIS B 408 8.83 5.01 -8.31
N LEU B 409 9.79 4.51 -7.53
CA LEU B 409 10.71 5.39 -6.82
C LEU B 409 11.84 5.92 -7.70
N ASP B 410 11.97 5.39 -8.92
CA ASP B 410 13.11 5.76 -9.77
C ASP B 410 12.94 7.20 -10.23
N ARG B 411 13.87 8.08 -9.85
CA ARG B 411 13.88 9.45 -10.33
C ARG B 411 15.03 9.76 -11.30
N GLY B 412 15.70 8.75 -11.82
CA GLY B 412 16.75 8.99 -12.81
C GLY B 412 17.88 9.81 -12.23
N TYR B 413 18.18 10.95 -12.86
CA TYR B 413 19.29 11.79 -12.43
C TYR B 413 19.07 12.41 -11.06
N GLU B 414 17.87 12.37 -10.52
CA GLU B 414 17.65 12.87 -9.18
C GLU B 414 17.44 11.76 -8.16
N ASN B 415 17.73 10.51 -8.52
CA ASN B 415 17.96 9.50 -7.49
C ASN B 415 19.12 9.95 -6.60
N ILE B 416 19.00 9.74 -5.28
CA ILE B 416 20.05 10.27 -4.40
C ILE B 416 21.38 9.61 -4.73
N GLU B 417 21.37 8.36 -5.18
CA GLU B 417 22.63 7.67 -5.42
C GLU B 417 23.44 8.32 -6.54
N GLU B 418 22.79 9.00 -7.49
CA GLU B 418 23.54 9.66 -8.56
C GLU B 418 24.38 10.81 -8.01
N LYS B 419 23.82 11.59 -7.09
CA LYS B 419 24.58 12.68 -6.51
C LYS B 419 25.57 12.19 -5.47
N LEU B 420 25.21 11.15 -4.70
CA LEU B 420 26.18 10.54 -3.78
C LEU B 420 27.42 10.05 -4.52
N SER B 421 27.23 9.44 -5.69
CA SER B 421 28.38 9.05 -6.52
C SER B 421 29.29 10.23 -6.81
N SER B 422 28.71 11.39 -7.14
CA SER B 422 29.54 12.54 -7.44
C SER B 422 30.27 13.05 -6.19
N LEU B 423 29.89 12.59 -5.01
CA LEU B 423 30.55 12.95 -3.77
C LEU B 423 31.56 11.90 -3.33
N GLY B 424 31.84 10.91 -4.18
CA GLY B 424 32.82 9.89 -3.87
C GLY B 424 32.25 8.56 -3.43
N ALA B 425 30.93 8.40 -3.37
CA ALA B 425 30.37 7.09 -3.09
C ALA B 425 30.55 6.16 -4.30
N THR B 426 30.53 4.86 -4.03
CA THR B 426 30.60 3.82 -5.05
C THR B 426 29.23 3.13 -5.10
N ILE B 427 28.39 3.53 -6.06
CA ILE B 427 27.03 3.02 -6.22
C ILE B 427 26.78 2.79 -7.70
N ARG B 428 26.23 1.63 -8.05
CA ARG B 428 25.94 1.37 -9.46
C ARG B 428 24.59 0.68 -9.61
N ARG B 429 23.90 1.05 -10.68
CA ARG B 429 22.61 0.47 -11.03
C ARG B 429 22.84 -0.77 -11.86
N VAL B 430 22.18 -1.86 -11.48
CA VAL B 430 22.41 -3.16 -12.11
C VAL B 430 21.09 -3.74 -12.62
N PRO B 431 20.62 -3.33 -13.81
CA PRO B 431 19.34 -3.80 -14.37
C PRO B 431 19.40 -5.25 -14.84
#